data_2RS3
#
_entry.id   2RS3
#
_cell.length_a   445.100
_cell.length_b   445.100
_cell.length_c   445.100
_cell.angle_alpha   90.00
_cell.angle_beta   90.00
_cell.angle_gamma   90.00
#
_symmetry.space_group_name_H-M   'P 21 3'
#
loop_
_entity.id
_entity.type
_entity.pdbx_description
1 polymer 'HUMAN RHINOVIRUS 14 COAT PROTEIN (SUBUNIT VP1)'
2 polymer 'HUMAN RHINOVIRUS 14 COAT PROTEIN (SUBUNIT VP2)'
3 polymer 'HUMAN RHINOVIRUS 14 COAT PROTEIN (SUBUNIT VP3)'
4 polymer 'HUMAN RHINOVIRUS 14 COAT PROTEIN (SUBUNIT VP4)'
5 non-polymer '5-(7-(5-HYDRO-4-ETHYL-2-OXAZOLYL)PHENOXY)HEPTYL)-3-METHYL ISOXAZOLE'
6 water water
#
loop_
_entity_poly.entity_id
_entity_poly.type
_entity_poly.pdbx_seq_one_letter_code
_entity_poly.pdbx_strand_id
1 'polypeptide(L)'
;GLGDELEEVIVEKTKQTVASISSGPKHTQKVPILTANETGATMPVLPSDSIETRTTYMHFNGSETDVECFLGRAACVHVT
EIQNKDATGIDNHREAKLFNDWKINLSSLVQLRKKLELFTYVRFDSEYTILATASQPDSANYSSNLVVQAMYVPPGAPNP
KEWDDYTWQSASNPSVFFKVGDTSRFSVPYVGLASAYNCFYDGYSHDDAETQYGITVLNHMGSMAFRIVNEHDEHKTLVK
IRVYHRAKHVEAWIPRAPRALPYTSIGRTNYPKNTEPVIKKRKGDIKSY
;
1
2 'polypeptide(L)'
;SPNVEACGYSDRVQQITLGNSTITTQEAANAVVCYAEWPEYLPDVDASDVNKTSKPDTSVCRFYTLDSKTWTTGSKGWCW
KLPDALKDMGVFGQNMFFHSLGRSGYTVHVQCNATKFHSGCLLVVVIPEHQLASHEGGNVSVKYTFTHPGERGIDLSSAN
EVGGPVKDVLYNMNGTLLGNLLIFPHQFINLRTNNTATIVIPYINSVPIDSMTRHNNVSLMVIPIAPLTVPTGATPSLPI
TVTIAPMCTEFSGIRSKSIVPQ
;
2
3 'polypeptide(L)'
;GLPTTTLPGSGQFLTTDDRQSPSALPNYEPTPRIHIPGKVHNLLEIIQVDTLIPMNNTHTKDEVNSYLIPLNANRQNEQV
FGTNLFIGDGVFKTTLLGEIVQYYTHWSGSLRFSLMYTGPALSSAKLILAYTPPGARGPQDRREAMLGTHVVWDIGLQST
IVMTIPWTSGVQFRYTDPDTYTSAGFLSCWYQTSLILPPETTGQVYLLSFISACPDFKLRLMKDTQTISQTVALTE
;
3
4 'polypeptide(L)' GAQVSTQKSGSHENQNILTNGSNQTFTVINYYKDAASTSSAGQSLSMDPSKFTEPVKDLMLKGAPALN 4
#
# COMPACT_ATOMS: atom_id res chain seq x y z
N THR A 17 15.06 -11.42 -24.86
CA THR A 17 15.45 -10.42 -23.86
C THR A 17 16.69 -10.55 -22.96
N VAL A 18 17.57 -9.51 -22.92
CA VAL A 18 18.75 -9.86 -22.09
C VAL A 18 18.46 -9.49 -20.65
N ALA A 19 18.86 -10.37 -19.75
CA ALA A 19 18.76 -10.14 -18.32
C ALA A 19 20.00 -9.39 -17.83
N SER A 20 21.07 -9.65 -18.51
CA SER A 20 22.34 -8.93 -18.12
C SER A 20 23.12 -8.82 -19.42
N ILE A 21 23.78 -7.69 -19.64
CA ILE A 21 24.63 -7.59 -20.80
C ILE A 21 26.09 -7.88 -20.33
N SER A 22 26.95 -7.96 -21.31
CA SER A 22 28.35 -8.23 -20.95
C SER A 22 29.00 -6.97 -20.52
N SER A 23 29.70 -6.79 -19.52
CA SER A 23 30.29 -5.39 -19.27
C SER A 23 31.64 -5.59 -18.70
N GLY A 24 32.62 -4.77 -18.91
CA GLY A 24 34.04 -5.07 -18.42
C GLY A 24 34.49 -4.01 -17.49
N PRO A 25 35.79 -3.85 -17.29
CA PRO A 25 36.37 -2.91 -16.31
C PRO A 25 35.86 -1.51 -16.64
N LYS A 26 35.77 -0.58 -15.81
CA LYS A 26 35.31 0.81 -15.89
C LYS A 26 36.29 1.74 -15.18
N HIS A 27 36.65 2.89 -15.61
CA HIS A 27 37.51 3.83 -14.79
C HIS A 27 36.96 5.19 -15.26
N THR A 28 35.81 5.61 -14.91
CA THR A 28 35.16 6.74 -15.33
C THR A 28 34.90 7.86 -14.31
N GLN A 29 34.36 8.88 -14.89
CA GLN A 29 34.00 10.15 -14.31
C GLN A 29 32.46 10.08 -14.27
N LYS A 30 31.96 8.97 -14.73
CA LYS A 30 30.48 8.79 -14.84
C LYS A 30 30.08 7.70 -13.88
N VAL A 31 29.64 8.02 -12.68
CA VAL A 31 29.38 7.02 -11.62
C VAL A 31 27.93 6.75 -11.45
N PRO A 32 27.34 5.73 -12.03
CA PRO A 32 25.92 5.45 -11.89
C PRO A 32 25.51 4.98 -10.50
N ILE A 33 26.42 4.61 -9.63
CA ILE A 33 26.01 4.08 -8.34
C ILE A 33 25.94 5.15 -7.29
N LEU A 34 26.27 6.39 -7.50
CA LEU A 34 26.14 7.42 -6.43
C LEU A 34 24.84 8.15 -6.68
N THR A 35 23.90 8.16 -5.82
CA THR A 35 22.67 8.93 -6.12
C THR A 35 22.24 9.75 -4.98
N ALA A 36 21.12 10.40 -4.94
CA ALA A 36 20.58 11.18 -3.81
C ALA A 36 19.18 10.68 -3.50
N ASN A 37 18.90 9.75 -2.64
CA ASN A 37 17.62 9.16 -2.38
C ASN A 37 16.63 10.17 -1.85
N GLU A 38 17.14 11.36 -1.52
CA GLU A 38 16.24 12.34 -0.95
C GLU A 38 15.23 12.79 -1.97
N THR A 39 15.50 12.52 -3.24
CA THR A 39 14.71 12.99 -4.38
C THR A 39 13.43 12.22 -4.51
N GLY A 40 13.38 11.00 -3.98
CA GLY A 40 12.17 10.21 -4.04
C GLY A 40 12.29 9.25 -5.19
N ALA A 41 13.35 9.23 -5.93
CA ALA A 41 13.40 8.24 -7.07
C ALA A 41 14.05 6.96 -6.68
N THR A 42 13.82 5.83 -7.31
CA THR A 42 14.69 4.63 -7.16
C THR A 42 15.39 4.50 -8.51
N MET A 43 16.59 4.99 -8.55
CA MET A 43 17.41 4.91 -9.78
C MET A 43 17.62 3.49 -10.21
N PRO A 44 17.41 3.22 -11.48
CA PRO A 44 17.49 1.86 -12.06
C PRO A 44 18.86 1.27 -12.22
N VAL A 45 19.54 1.03 -11.14
CA VAL A 45 20.91 0.47 -11.16
C VAL A 45 20.84 -1.03 -11.36
N LEU A 46 21.81 -1.54 -12.11
CA LEU A 46 21.96 -2.96 -12.47
C LEU A 46 23.31 -3.55 -12.10
N PRO A 47 23.36 -4.88 -12.01
CA PRO A 47 24.64 -5.56 -11.69
C PRO A 47 25.74 -5.04 -12.55
N SER A 48 25.44 -4.78 -13.81
CA SER A 48 26.52 -4.38 -14.74
C SER A 48 26.89 -2.95 -14.48
N ASP A 49 26.65 -2.32 -13.42
CA ASP A 49 27.05 -0.89 -13.27
C ASP A 49 28.20 -0.89 -12.27
N SER A 50 28.26 -2.05 -11.62
CA SER A 50 29.25 -2.14 -10.55
C SER A 50 30.01 -3.41 -10.55
N ILE A 51 29.82 -4.45 -11.27
CA ILE A 51 30.74 -5.58 -11.41
C ILE A 51 30.91 -5.86 -12.90
N GLU A 52 31.79 -6.73 -13.31
CA GLU A 52 31.93 -7.09 -14.75
C GLU A 52 30.96 -8.22 -15.01
N THR A 53 30.01 -8.19 -15.90
CA THR A 53 29.00 -9.22 -16.18
C THR A 53 29.22 -9.85 -17.54
N ARG A 54 28.47 -10.90 -17.78
CA ARG A 54 28.50 -11.71 -19.03
C ARG A 54 27.08 -11.66 -19.56
N THR A 55 26.81 -11.89 -20.79
CA THR A 55 25.39 -11.90 -21.21
C THR A 55 24.64 -13.10 -20.70
N THR A 56 23.40 -12.84 -20.35
CA THR A 56 22.43 -13.88 -19.94
C THR A 56 21.06 -13.36 -20.39
N TYR A 57 20.18 -14.30 -20.72
CA TYR A 57 18.78 -13.93 -21.11
C TYR A 57 17.80 -14.22 -20.03
N MET A 58 16.67 -13.54 -20.14
CA MET A 58 15.63 -13.62 -19.07
C MET A 58 14.91 -14.91 -19.15
N HIS A 59 14.53 -15.37 -20.31
CA HIS A 59 13.73 -16.64 -20.30
C HIS A 59 12.49 -16.45 -19.44
N PHE A 60 11.88 -15.33 -19.27
CA PHE A 60 10.70 -15.23 -18.34
C PHE A 60 9.87 -14.04 -18.65
N ASN A 61 8.59 -13.92 -18.49
CA ASN A 61 7.80 -12.80 -18.83
C ASN A 61 7.17 -12.12 -17.70
N GLY A 62 7.02 -12.73 -16.57
CA GLY A 62 6.35 -12.01 -15.45
C GLY A 62 4.85 -12.16 -15.60
N SER A 63 4.37 -13.20 -16.21
CA SER A 63 3.03 -13.58 -16.40
C SER A 63 2.15 -13.71 -15.14
N GLU A 64 2.77 -14.36 -14.14
CA GLU A 64 2.03 -14.83 -12.92
C GLU A 64 2.01 -13.84 -11.79
N THR A 65 2.43 -12.64 -12.11
CA THR A 65 2.50 -11.52 -11.18
C THR A 65 1.60 -10.41 -11.78
N ASP A 66 0.96 -10.72 -12.88
CA ASP A 66 -0.01 -9.76 -13.43
C ASP A 66 -1.09 -9.54 -12.41
N VAL A 67 -1.65 -8.39 -12.17
CA VAL A 67 -2.70 -8.28 -11.13
C VAL A 67 -3.88 -9.14 -11.53
N GLU A 68 -4.08 -9.45 -12.80
CA GLU A 68 -5.32 -10.26 -13.08
C GLU A 68 -5.08 -11.61 -12.47
N CYS A 69 -3.88 -12.07 -12.49
CA CYS A 69 -3.54 -13.41 -12.02
C CYS A 69 -3.55 -13.42 -10.50
N PHE A 70 -3.01 -12.35 -9.95
CA PHE A 70 -2.85 -12.24 -8.48
C PHE A 70 -4.21 -12.27 -7.80
N LEU A 71 -5.22 -11.57 -8.33
CA LEU A 71 -6.51 -11.50 -7.68
C LEU A 71 -7.47 -12.48 -8.37
N GLY A 72 -7.00 -13.17 -9.38
CA GLY A 72 -7.93 -14.01 -10.14
C GLY A 72 -8.15 -15.39 -9.70
N ARG A 73 -7.92 -15.85 -8.53
CA ARG A 73 -8.25 -17.31 -8.17
C ARG A 73 -9.33 -17.21 -7.13
N ALA A 74 -10.17 -18.17 -7.00
CA ALA A 74 -11.25 -18.17 -5.97
C ALA A 74 -10.71 -18.13 -4.57
N ALA A 75 -11.16 -17.33 -3.67
CA ALA A 75 -10.77 -17.29 -2.25
C ALA A 75 -12.03 -17.48 -1.42
N CYS A 76 -11.96 -18.12 -0.27
CA CYS A 76 -13.20 -18.29 0.56
C CYS A 76 -13.51 -16.93 1.17
N VAL A 77 -14.68 -16.45 1.00
CA VAL A 77 -14.95 -15.10 1.53
C VAL A 77 -15.97 -15.20 2.63
N HIS A 78 -16.59 -16.32 2.89
CA HIS A 78 -17.71 -16.33 3.89
C HIS A 78 -18.16 -17.74 4.19
N VAL A 79 -18.35 -18.03 5.47
CA VAL A 79 -18.93 -19.36 5.79
C VAL A 79 -20.15 -19.10 6.64
N THR A 80 -21.29 -19.50 6.32
CA THR A 80 -22.50 -19.28 7.14
C THR A 80 -23.13 -20.63 7.35
N GLU A 81 -24.27 -20.65 8.03
CA GLU A 81 -24.98 -21.94 8.22
C GLU A 81 -26.48 -21.68 8.52
N ILE A 82 -27.25 -22.58 7.97
CA ILE A 82 -28.71 -22.62 8.07
C ILE A 82 -29.12 -24.04 8.42
N GLN A 83 -30.30 -24.25 9.03
CA GLN A 83 -30.74 -25.65 9.25
C GLN A 83 -32.17 -25.92 8.75
N ASN A 84 -32.40 -27.18 8.47
CA ASN A 84 -33.75 -27.58 8.01
C ASN A 84 -34.33 -28.21 9.28
N LYS A 85 -35.38 -27.66 9.76
CA LYS A 85 -36.01 -28.28 10.99
C LYS A 85 -37.43 -27.81 11.04
N ASP A 86 -38.28 -28.40 11.86
CA ASP A 86 -39.69 -27.97 11.95
C ASP A 86 -39.81 -26.54 12.52
N ALA A 87 -40.42 -25.64 11.71
CA ALA A 87 -40.43 -24.23 12.16
C ALA A 87 -41.63 -24.00 13.08
N THR A 88 -42.37 -25.06 13.19
CA THR A 88 -43.54 -25.00 14.09
C THR A 88 -43.13 -24.49 15.47
N GLY A 89 -43.87 -23.39 15.80
CA GLY A 89 -43.58 -22.63 17.04
C GLY A 89 -42.29 -21.86 17.08
N ILE A 90 -41.75 -21.46 15.89
CA ILE A 90 -40.42 -20.73 16.02
C ILE A 90 -40.84 -19.28 15.85
N ASP A 91 -40.39 -18.50 16.84
CA ASP A 91 -40.94 -17.08 16.67
C ASP A 91 -40.04 -16.27 15.84
N ASN A 92 -38.86 -16.82 15.49
CA ASN A 92 -37.87 -15.94 14.79
C ASN A 92 -36.96 -16.83 13.94
N HIS A 93 -37.44 -16.96 12.70
CA HIS A 93 -36.80 -17.91 11.79
C HIS A 93 -35.32 -17.54 11.64
N ARG A 94 -35.20 -16.23 11.57
CA ARG A 94 -33.82 -15.71 11.26
C ARG A 94 -32.95 -16.17 12.39
N GLU A 95 -33.52 -16.02 13.59
CA GLU A 95 -32.79 -16.43 14.75
C GLU A 95 -32.59 -17.91 14.89
N ALA A 96 -33.38 -18.77 14.32
CA ALA A 96 -33.23 -20.25 14.43
C ALA A 96 -32.32 -20.77 13.31
N LYS A 97 -31.72 -19.84 12.53
CA LYS A 97 -30.99 -20.18 11.34
C LYS A 97 -31.95 -20.99 10.39
N LEU A 98 -33.19 -20.60 10.39
CA LEU A 98 -34.11 -21.26 9.44
C LEU A 98 -33.79 -20.73 8.05
N PHE A 99 -32.84 -19.83 8.11
CA PHE A 99 -32.28 -19.10 6.97
C PHE A 99 -31.43 -18.01 7.56
N ASN A 100 -30.64 -17.42 6.76
CA ASN A 100 -29.73 -16.38 7.25
C ASN A 100 -29.41 -15.51 6.06
N ASP A 101 -28.77 -14.42 6.31
CA ASP A 101 -28.39 -13.47 5.25
C ASP A 101 -27.00 -13.03 5.59
N TRP A 102 -26.32 -12.54 4.63
CA TRP A 102 -24.92 -12.15 4.78
C TRP A 102 -24.83 -10.74 4.26
N LYS A 103 -24.64 -9.79 5.13
CA LYS A 103 -24.59 -8.37 4.71
C LYS A 103 -23.33 -8.31 3.85
N ILE A 104 -23.47 -8.77 2.60
CA ILE A 104 -22.32 -8.98 1.64
C ILE A 104 -21.20 -7.98 1.80
N ASN A 105 -19.99 -8.50 1.62
CA ASN A 105 -18.77 -7.71 1.87
C ASN A 105 -17.57 -8.64 1.60
N LEU A 106 -16.35 -8.15 1.59
CA LEU A 106 -15.22 -9.06 1.19
C LEU A 106 -14.08 -9.07 2.22
N SER A 107 -13.96 -7.96 2.91
CA SER A 107 -12.91 -7.74 3.95
C SER A 107 -13.22 -8.52 5.26
N SER A 108 -14.27 -9.35 5.31
CA SER A 108 -14.50 -10.22 6.56
C SER A 108 -13.31 -11.21 6.72
N LEU A 109 -13.40 -12.37 6.07
CA LEU A 109 -12.23 -13.32 5.99
C LEU A 109 -11.13 -12.60 5.19
N VAL A 110 -9.95 -12.73 5.80
CA VAL A 110 -8.73 -11.90 5.56
C VAL A 110 -7.68 -12.33 4.49
N GLN A 111 -7.33 -13.61 4.33
CA GLN A 111 -6.29 -13.98 3.30
C GLN A 111 -6.53 -13.07 2.10
N LEU A 112 -7.70 -13.15 1.46
CA LEU A 112 -7.99 -12.26 0.33
C LEU A 112 -7.90 -10.81 0.74
N ARG A 113 -8.33 -10.41 1.91
CA ARG A 113 -8.32 -8.97 2.29
C ARG A 113 -6.96 -8.36 2.20
N LYS A 114 -5.93 -8.97 2.73
CA LYS A 114 -4.59 -8.37 2.68
C LYS A 114 -4.18 -8.16 1.23
N LYS A 115 -4.47 -9.12 0.35
CA LYS A 115 -4.18 -9.07 -1.08
C LYS A 115 -4.86 -7.86 -1.71
N LEU A 116 -6.16 -7.64 -1.49
CA LEU A 116 -6.81 -6.51 -2.10
C LEU A 116 -6.28 -5.18 -1.57
N GLU A 117 -5.89 -5.18 -0.31
CA GLU A 117 -5.58 -3.82 0.29
C GLU A 117 -4.18 -3.40 0.00
N LEU A 118 -3.58 -4.04 -0.97
CA LEU A 118 -2.24 -3.67 -1.50
C LEU A 118 -2.44 -2.49 -2.48
N PHE A 119 -3.67 -2.21 -2.88
CA PHE A 119 -4.19 -1.23 -3.77
C PHE A 119 -5.23 -0.34 -3.06
N THR A 120 -5.44 0.89 -3.52
CA THR A 120 -6.41 1.79 -2.96
C THR A 120 -7.77 1.67 -3.57
N TYR A 121 -7.89 1.62 -4.89
CA TYR A 121 -9.15 1.48 -5.65
C TYR A 121 -9.01 0.20 -6.51
N VAL A 122 -10.06 -0.50 -6.67
CA VAL A 122 -9.92 -1.85 -7.42
C VAL A 122 -11.17 -1.94 -8.19
N ARG A 123 -11.18 -2.48 -9.37
CA ARG A 123 -12.42 -2.61 -10.19
C ARG A 123 -12.39 -4.00 -10.81
N PHE A 124 -13.44 -4.80 -10.72
CA PHE A 124 -13.43 -6.15 -11.27
C PHE A 124 -14.83 -6.72 -11.33
N ASP A 125 -15.08 -7.75 -12.13
CA ASP A 125 -16.34 -8.52 -12.12
C ASP A 125 -16.12 -9.64 -11.09
N SER A 126 -17.11 -10.19 -10.51
CA SER A 126 -16.93 -11.24 -9.52
C SER A 126 -17.47 -12.52 -10.05
N GLU A 127 -16.78 -13.58 -9.78
CA GLU A 127 -17.41 -14.88 -10.08
C GLU A 127 -17.62 -15.55 -8.74
N TYR A 128 -18.80 -15.88 -8.29
CA TYR A 128 -19.03 -16.55 -7.01
C TYR A 128 -19.14 -18.05 -7.14
N THR A 129 -18.55 -18.84 -6.30
CA THR A 129 -18.88 -20.33 -6.28
C THR A 129 -19.45 -20.56 -4.91
N ILE A 130 -20.50 -21.27 -4.75
CA ILE A 130 -21.08 -21.50 -3.40
C ILE A 130 -21.10 -22.98 -3.13
N LEU A 131 -20.35 -23.48 -2.21
CA LEU A 131 -20.37 -24.94 -1.88
C LEU A 131 -21.26 -25.09 -0.65
N ALA A 132 -22.13 -26.03 -0.55
CA ALA A 132 -23.04 -26.29 0.57
C ALA A 132 -22.88 -27.71 1.03
N THR A 133 -22.54 -28.04 2.21
CA THR A 133 -22.43 -29.53 2.57
C THR A 133 -23.33 -29.76 3.72
N ALA A 134 -23.83 -30.98 3.93
CA ALA A 134 -24.78 -31.13 5.08
C ALA A 134 -24.11 -31.98 6.14
N SER A 135 -24.52 -31.78 7.34
CA SER A 135 -24.11 -32.45 8.55
C SER A 135 -25.38 -32.91 9.30
N GLN A 136 -25.24 -34.04 9.91
CA GLN A 136 -26.40 -34.58 10.72
C GLN A 136 -25.84 -35.04 12.04
N PRO A 137 -25.49 -34.08 12.88
CA PRO A 137 -24.86 -34.40 14.15
C PRO A 137 -25.70 -35.26 15.01
N ASP A 138 -26.99 -35.42 14.88
CA ASP A 138 -27.57 -36.36 15.89
C ASP A 138 -28.54 -37.32 15.26
N SER A 139 -28.24 -38.57 15.40
CA SER A 139 -29.12 -39.64 14.99
C SER A 139 -30.12 -39.37 13.91
N ALA A 140 -29.82 -39.83 12.70
CA ALA A 140 -30.83 -39.68 11.59
C ALA A 140 -30.88 -41.02 10.88
N ASN A 141 -31.98 -41.36 10.27
CA ASN A 141 -32.04 -42.65 9.57
C ASN A 141 -31.26 -42.60 8.27
N TYR A 142 -31.24 -41.35 7.79
CA TYR A 142 -30.67 -41.04 6.52
C TYR A 142 -30.29 -39.59 6.38
N SER A 143 -29.69 -39.38 5.20
CA SER A 143 -29.24 -38.05 4.73
C SER A 143 -30.25 -37.47 3.80
N SER A 144 -30.88 -36.37 4.09
CA SER A 144 -32.04 -36.05 3.08
C SER A 144 -31.53 -35.34 1.90
N ASN A 145 -32.26 -35.11 0.80
CA ASN A 145 -31.63 -34.24 -0.22
C ASN A 145 -32.42 -32.96 -0.37
N LEU A 146 -31.71 -31.97 0.15
CA LEU A 146 -32.06 -30.59 0.28
C LEU A 146 -31.60 -29.77 -0.93
N VAL A 147 -32.41 -28.82 -1.29
CA VAL A 147 -32.11 -27.85 -2.31
C VAL A 147 -31.92 -26.51 -1.62
N VAL A 148 -30.83 -25.79 -1.74
CA VAL A 148 -30.65 -24.47 -1.16
C VAL A 148 -31.17 -23.40 -2.07
N GLN A 149 -31.60 -22.29 -1.68
CA GLN A 149 -32.01 -21.18 -2.61
C GLN A 149 -31.33 -19.95 -2.02
N ALA A 150 -30.29 -19.51 -2.64
CA ALA A 150 -29.61 -18.29 -2.18
C ALA A 150 -30.15 -17.19 -3.05
N MET A 151 -30.44 -16.03 -2.53
CA MET A 151 -30.98 -15.00 -3.42
C MET A 151 -30.41 -13.65 -3.02
N TYR A 152 -30.39 -12.77 -3.99
CA TYR A 152 -29.71 -11.49 -3.81
C TYR A 152 -30.65 -10.44 -3.28
N VAL A 153 -30.53 -10.11 -2.02
CA VAL A 153 -31.41 -9.09 -1.47
C VAL A 153 -30.73 -7.71 -1.48
N PRO A 154 -30.50 -7.08 -2.66
CA PRO A 154 -29.95 -5.73 -2.76
C PRO A 154 -30.74 -4.92 -1.83
N PRO A 155 -30.28 -3.69 -1.59
CA PRO A 155 -30.72 -2.76 -0.56
C PRO A 155 -31.76 -1.85 -1.06
N GLY A 156 -32.92 -2.03 -0.51
CA GLY A 156 -34.11 -1.23 -0.86
C GLY A 156 -35.21 -2.21 -1.10
N ALA A 157 -34.76 -3.35 -1.50
CA ALA A 157 -35.65 -4.48 -1.63
C ALA A 157 -35.94 -4.91 -0.19
N PRO A 158 -37.04 -5.58 0.08
CA PRO A 158 -37.46 -5.92 1.44
C PRO A 158 -36.72 -7.10 1.95
N ASN A 159 -36.62 -7.24 3.23
CA ASN A 159 -35.88 -8.37 3.81
C ASN A 159 -36.83 -9.55 4.06
N PRO A 160 -36.54 -10.89 3.78
CA PRO A 160 -37.54 -11.81 4.11
C PRO A 160 -37.67 -11.66 5.54
N LYS A 161 -38.64 -12.36 6.03
CA LYS A 161 -38.86 -12.44 7.43
C LYS A 161 -38.95 -13.91 7.88
N GLU A 162 -39.65 -14.71 7.22
CA GLU A 162 -39.73 -16.14 7.56
C GLU A 162 -39.03 -16.91 6.51
N TRP A 163 -38.84 -18.20 6.70
CA TRP A 163 -38.11 -18.97 5.68
C TRP A 163 -38.99 -19.23 4.52
N ASP A 164 -40.26 -18.82 4.61
CA ASP A 164 -41.08 -19.00 3.37
C ASP A 164 -42.00 -17.87 2.97
N ASP A 165 -41.69 -16.61 3.25
CA ASP A 165 -42.19 -15.34 2.91
C ASP A 165 -42.49 -15.18 1.41
N TYR A 166 -43.17 -14.08 1.13
CA TYR A 166 -43.48 -13.79 -0.33
C TYR A 166 -42.14 -13.43 -0.95
N THR A 167 -41.23 -12.87 -0.14
CA THR A 167 -39.90 -12.47 -0.61
C THR A 167 -39.19 -13.50 -1.47
N TRP A 168 -39.36 -14.76 -1.04
CA TRP A 168 -38.63 -15.85 -1.73
C TRP A 168 -39.15 -16.07 -3.11
N GLN A 169 -40.24 -15.45 -3.47
CA GLN A 169 -40.81 -15.57 -4.83
C GLN A 169 -39.76 -15.05 -5.81
N SER A 170 -39.12 -14.02 -5.30
CA SER A 170 -37.96 -13.40 -5.99
C SER A 170 -38.25 -13.21 -7.44
N ALA A 171 -39.29 -12.46 -7.74
CA ALA A 171 -39.75 -12.28 -9.12
C ALA A 171 -38.89 -11.31 -9.87
N SER A 172 -38.24 -10.44 -9.14
CA SER A 172 -37.38 -9.47 -9.83
C SER A 172 -35.96 -9.60 -9.38
N ASN A 173 -35.58 -10.40 -8.51
CA ASN A 173 -34.26 -10.49 -7.81
C ASN A 173 -33.59 -11.73 -8.20
N PRO A 174 -32.38 -11.74 -8.67
CA PRO A 174 -31.77 -13.00 -9.20
C PRO A 174 -31.65 -14.01 -8.13
N SER A 175 -32.15 -15.22 -8.36
CA SER A 175 -31.84 -16.28 -7.25
C SER A 175 -31.42 -17.56 -7.92
N VAL A 176 -30.56 -18.40 -7.33
CA VAL A 176 -30.09 -19.63 -7.85
C VAL A 176 -30.58 -20.79 -6.89
N PHE A 177 -31.05 -21.88 -7.38
CA PHE A 177 -31.45 -23.05 -6.55
C PHE A 177 -30.44 -24.17 -6.85
N PHE A 178 -29.71 -24.71 -5.98
CA PHE A 178 -28.79 -25.85 -6.25
C PHE A 178 -28.94 -26.87 -5.16
N LYS A 179 -28.34 -28.02 -5.24
CA LYS A 179 -28.49 -29.07 -4.22
C LYS A 179 -27.35 -29.01 -3.23
N VAL A 180 -27.69 -29.29 -1.99
CA VAL A 180 -26.61 -29.40 -0.94
C VAL A 180 -25.58 -30.40 -1.42
N GLY A 181 -24.29 -30.18 -1.32
CA GLY A 181 -23.29 -31.21 -1.76
C GLY A 181 -22.76 -30.80 -3.12
N ASP A 182 -23.62 -30.10 -3.85
CA ASP A 182 -23.21 -29.50 -5.10
C ASP A 182 -22.78 -28.07 -4.78
N THR A 183 -22.46 -27.41 -5.82
CA THR A 183 -21.93 -26.09 -5.99
C THR A 183 -22.71 -25.26 -6.92
N SER A 184 -22.76 -24.01 -6.67
CA SER A 184 -23.57 -23.12 -7.63
C SER A 184 -22.57 -22.11 -8.12
N ARG A 185 -22.68 -21.60 -9.29
CA ARG A 185 -21.68 -20.67 -9.81
C ARG A 185 -22.29 -19.71 -10.74
N PHE A 186 -22.06 -18.49 -10.59
CA PHE A 186 -22.62 -17.48 -11.52
C PHE A 186 -21.72 -16.31 -11.39
N SER A 187 -21.96 -15.26 -12.11
CA SER A 187 -20.81 -14.15 -12.06
C SER A 187 -21.57 -12.89 -12.05
N VAL A 188 -21.17 -11.89 -11.34
CA VAL A 188 -21.97 -10.61 -11.24
C VAL A 188 -21.07 -9.53 -11.79
N PRO A 189 -21.53 -8.61 -12.62
CA PRO A 189 -20.74 -7.53 -13.16
C PRO A 189 -20.25 -6.63 -12.04
N TYR A 190 -19.36 -5.73 -12.28
CA TYR A 190 -18.91 -4.77 -11.23
C TYR A 190 -20.09 -3.86 -10.86
N VAL A 191 -20.71 -4.09 -9.67
CA VAL A 191 -21.80 -3.33 -9.20
C VAL A 191 -21.50 -2.08 -8.40
N GLY A 192 -20.30 -1.61 -8.37
CA GLY A 192 -19.97 -0.36 -7.61
C GLY A 192 -20.72 0.85 -8.11
N LEU A 193 -21.00 1.83 -7.27
CA LEU A 193 -21.63 3.05 -7.67
C LEU A 193 -20.58 3.95 -8.35
N ALA A 194 -19.35 3.97 -7.95
CA ALA A 194 -18.33 4.90 -8.56
C ALA A 194 -17.59 4.20 -9.67
N SER A 195 -16.40 4.65 -9.96
CA SER A 195 -15.67 4.08 -11.12
C SER A 195 -14.87 2.89 -10.65
N ALA A 196 -14.60 2.82 -9.37
CA ALA A 196 -13.81 1.72 -8.76
C ALA A 196 -14.39 1.48 -7.36
N TYR A 197 -14.07 0.40 -6.71
CA TYR A 197 -14.50 0.17 -5.30
C TYR A 197 -13.46 0.84 -4.42
N ASN A 198 -13.78 1.53 -3.36
CA ASN A 198 -12.65 2.12 -2.55
C ASN A 198 -12.16 1.00 -1.59
N CYS A 199 -10.92 0.64 -1.63
CA CYS A 199 -10.35 -0.23 -0.62
C CYS A 199 -10.19 0.60 0.68
N PHE A 200 -10.13 1.87 0.59
CA PHE A 200 -9.97 2.74 1.73
C PHE A 200 -10.77 4.01 1.45
N TYR A 201 -11.17 4.68 2.50
CA TYR A 201 -11.97 5.91 2.28
C TYR A 201 -11.75 6.83 3.46
N ASP A 202 -11.05 7.95 3.31
CA ASP A 202 -10.83 8.73 4.60
C ASP A 202 -11.93 9.74 4.56
N GLY A 203 -13.16 9.25 4.80
CA GLY A 203 -14.31 10.24 4.79
C GLY A 203 -15.46 9.71 5.64
N TYR A 204 -16.56 10.41 5.59
CA TYR A 204 -17.83 10.17 6.25
C TYR A 204 -18.95 10.20 5.24
N SER A 205 -20.17 9.86 5.60
CA SER A 205 -21.25 9.83 4.64
C SER A 205 -21.84 11.24 4.59
N HIS A 206 -21.53 11.96 5.63
CA HIS A 206 -21.96 13.39 5.63
C HIS A 206 -21.24 14.05 6.77
N ASP A 207 -21.34 15.36 6.86
CA ASP A 207 -20.58 16.04 7.92
C ASP A 207 -21.40 15.94 9.19
N ASP A 208 -21.52 14.82 9.76
CA ASP A 208 -22.25 14.61 11.03
C ASP A 208 -21.20 14.51 12.12
N ALA A 209 -21.52 14.82 13.34
CA ALA A 209 -20.47 14.78 14.35
C ALA A 209 -20.27 13.37 14.86
N GLU A 210 -21.19 12.53 14.64
CA GLU A 210 -21.06 11.19 15.27
C GLU A 210 -21.20 10.17 14.17
N THR A 211 -21.18 10.54 12.88
CA THR A 211 -21.42 9.42 11.88
C THR A 211 -20.23 8.52 11.82
N GLN A 212 -20.37 7.29 11.33
CA GLN A 212 -19.25 6.28 11.33
C GLN A 212 -18.26 6.81 10.26
N TYR A 213 -17.05 6.29 10.27
CA TYR A 213 -15.94 6.71 9.36
C TYR A 213 -15.44 5.51 8.62
N GLY A 214 -14.92 5.63 7.44
CA GLY A 214 -14.35 4.41 6.82
C GLY A 214 -15.11 4.01 5.59
N ILE A 215 -15.12 2.72 5.31
CA ILE A 215 -15.68 2.27 4.02
C ILE A 215 -17.06 1.59 4.18
N THR A 216 -17.35 1.09 5.36
CA THR A 216 -18.68 0.50 5.70
C THR A 216 -19.89 1.35 5.22
N VAL A 217 -19.65 2.61 4.93
CA VAL A 217 -20.72 3.59 4.52
C VAL A 217 -20.72 3.82 3.03
N LEU A 218 -19.70 3.34 2.46
CA LEU A 218 -19.51 3.47 1.02
C LEU A 218 -19.90 2.18 0.37
N ASN A 219 -19.09 1.20 0.64
CA ASN A 219 -19.22 -0.12 -0.02
C ASN A 219 -20.35 -0.95 0.61
N HIS A 220 -21.48 -0.38 0.33
CA HIS A 220 -22.87 -0.82 0.57
C HIS A 220 -23.35 -1.73 -0.58
N MET A 221 -24.13 -2.75 -0.32
CA MET A 221 -24.55 -3.64 -1.45
C MET A 221 -25.53 -4.66 -0.96
N GLY A 222 -25.99 -4.39 0.20
CA GLY A 222 -27.05 -5.19 0.79
C GLY A 222 -26.56 -6.60 0.97
N SER A 223 -27.46 -7.55 0.93
CA SER A 223 -27.03 -8.90 1.31
C SER A 223 -27.63 -10.01 0.46
N MET A 224 -27.20 -11.19 0.79
CA MET A 224 -27.57 -12.41 0.08
C MET A 224 -27.93 -13.42 1.13
N ALA A 225 -29.23 -13.65 1.23
CA ALA A 225 -29.87 -14.56 2.22
C ALA A 225 -30.25 -15.92 1.62
N PHE A 226 -29.72 -16.98 2.29
CA PHE A 226 -29.88 -18.42 1.91
C PHE A 226 -31.00 -19.12 2.68
N ARG A 227 -31.57 -20.14 2.16
CA ARG A 227 -32.57 -20.93 2.91
C ARG A 227 -32.62 -22.31 2.27
N ILE A 228 -33.19 -23.27 2.92
CA ILE A 228 -33.45 -24.62 2.31
C ILE A 228 -34.84 -24.61 1.78
N VAL A 229 -35.05 -25.25 0.62
CA VAL A 229 -36.46 -25.09 0.07
C VAL A 229 -37.25 -26.18 0.72
N ASN A 230 -36.60 -27.31 1.08
CA ASN A 230 -37.30 -28.47 1.60
C ASN A 230 -38.04 -28.18 2.92
N GLU A 231 -39.19 -28.86 3.06
CA GLU A 231 -39.86 -28.84 4.37
C GLU A 231 -39.00 -29.81 5.23
N HIS A 232 -39.43 -29.95 6.48
CA HIS A 232 -38.67 -30.76 7.42
C HIS A 232 -39.05 -32.24 7.36
N ASP A 233 -37.93 -33.00 7.59
CA ASP A 233 -38.00 -34.43 7.79
C ASP A 233 -38.05 -34.60 9.34
N GLU A 234 -38.00 -35.89 9.69
CA GLU A 234 -38.04 -36.18 11.15
C GLU A 234 -36.76 -35.73 11.76
N HIS A 235 -35.57 -35.87 11.20
CA HIS A 235 -34.37 -35.37 11.96
C HIS A 235 -34.07 -33.94 11.55
N LYS A 236 -33.00 -33.44 12.08
CA LYS A 236 -32.61 -32.02 11.79
C LYS A 236 -31.40 -32.09 10.90
N THR A 237 -31.14 -31.15 10.05
CA THR A 237 -29.99 -31.25 9.13
C THR A 237 -29.30 -29.87 9.16
N LEU A 238 -28.02 -29.90 9.40
CA LEU A 238 -27.23 -28.64 9.40
C LEU A 238 -26.62 -28.51 8.02
N VAL A 239 -26.83 -27.35 7.43
CA VAL A 239 -26.23 -27.10 6.07
C VAL A 239 -25.30 -25.92 6.27
N LYS A 240 -24.08 -26.05 5.85
CA LYS A 240 -23.08 -24.96 6.10
C LYS A 240 -22.70 -24.46 4.70
N ILE A 241 -22.86 -23.16 4.51
CA ILE A 241 -22.58 -22.51 3.21
C ILE A 241 -21.24 -21.81 3.21
N ARG A 242 -20.45 -22.14 2.16
CA ARG A 242 -19.14 -21.46 1.92
C ARG A 242 -19.19 -20.69 0.57
N VAL A 243 -19.01 -19.39 0.62
CA VAL A 243 -19.02 -18.55 -0.57
C VAL A 243 -17.59 -18.29 -1.01
N TYR A 244 -17.21 -18.60 -2.22
CA TYR A 244 -15.86 -18.31 -2.78
C TYR A 244 -15.95 -17.16 -3.75
N HIS A 245 -14.99 -16.28 -3.83
CA HIS A 245 -15.06 -15.14 -4.77
C HIS A 245 -13.80 -15.07 -5.60
N ARG A 246 -13.89 -14.92 -6.90
CA ARG A 246 -12.78 -14.80 -7.85
C ARG A 246 -12.95 -13.50 -8.63
N ALA A 247 -12.01 -12.65 -8.61
CA ALA A 247 -12.05 -11.42 -9.39
C ALA A 247 -11.68 -11.75 -10.84
N LYS A 248 -12.45 -11.22 -11.79
CA LYS A 248 -12.09 -11.39 -13.24
C LYS A 248 -12.23 -9.99 -13.83
N HIS A 249 -11.30 -9.68 -14.74
CA HIS A 249 -11.22 -8.36 -15.40
C HIS A 249 -10.76 -7.32 -14.44
N VAL A 250 -9.65 -7.54 -13.75
CA VAL A 250 -9.17 -6.70 -12.67
C VAL A 250 -8.52 -5.41 -13.04
N GLU A 251 -8.75 -4.39 -12.32
CA GLU A 251 -8.01 -3.08 -12.63
C GLU A 251 -7.67 -2.48 -11.28
N ALA A 252 -6.45 -2.15 -10.97
CA ALA A 252 -6.10 -1.70 -9.60
C ALA A 252 -5.35 -0.44 -9.62
N TRP A 253 -5.55 0.56 -8.82
CA TRP A 253 -4.78 1.81 -8.84
C TRP A 253 -4.17 2.09 -7.48
N ILE A 254 -3.06 2.78 -7.46
CA ILE A 254 -2.33 3.30 -6.34
C ILE A 254 -1.90 2.31 -5.31
N PRO A 255 -0.72 1.71 -5.45
CA PRO A 255 -0.22 0.67 -4.49
C PRO A 255 -0.01 1.26 -3.12
N ARG A 256 -0.15 0.52 -2.06
CA ARG A 256 0.06 1.04 -0.68
C ARG A 256 0.93 0.08 0.09
N ALA A 257 1.38 0.42 1.24
CA ALA A 257 2.20 -0.42 2.14
C ALA A 257 1.40 -1.63 2.58
N PRO A 258 1.94 -2.86 2.65
CA PRO A 258 1.15 -4.05 2.99
C PRO A 258 0.67 -3.97 4.40
N ARG A 259 -0.38 -4.68 4.81
CA ARG A 259 -0.85 -4.73 6.15
C ARG A 259 0.12 -5.39 7.12
N ALA A 260 0.50 -4.77 8.19
CA ALA A 260 1.47 -5.36 9.10
C ALA A 260 0.75 -5.91 10.31
N LEU A 261 -0.11 -5.16 10.99
CA LEU A 261 -0.79 -5.67 12.22
C LEU A 261 -2.04 -6.44 11.82
N PRO A 262 -2.59 -7.16 12.78
CA PRO A 262 -3.78 -7.98 12.59
C PRO A 262 -4.96 -7.05 12.43
N TYR A 263 -6.03 -7.58 11.89
CA TYR A 263 -7.28 -6.86 11.63
C TYR A 263 -8.25 -7.09 12.81
N THR A 264 -9.15 -6.16 13.03
CA THR A 264 -10.08 -6.28 14.14
C THR A 264 -11.47 -6.14 13.62
N SER A 265 -11.69 -5.39 12.57
CA SER A 265 -13.07 -5.08 12.10
C SER A 265 -13.27 -5.04 10.62
N ILE A 266 -14.42 -5.39 10.06
CA ILE A 266 -14.70 -5.20 8.63
C ILE A 266 -14.75 -3.68 8.42
N GLY A 267 -13.90 -3.23 7.53
CA GLY A 267 -13.98 -1.84 7.08
C GLY A 267 -13.29 -0.82 7.88
N ARG A 268 -12.61 -1.20 8.96
CA ARG A 268 -11.80 -0.08 9.57
C ARG A 268 -10.39 -0.63 9.60
N THR A 269 -9.47 0.27 9.66
CA THR A 269 -8.04 0.01 9.62
C THR A 269 -7.43 -0.36 10.94
N ASN A 270 -8.26 -0.21 12.00
CA ASN A 270 -7.94 -0.47 13.35
C ASN A 270 -7.21 -1.87 13.57
N TYR A 271 -6.24 -1.76 14.39
CA TYR A 271 -5.45 -2.89 14.87
C TYR A 271 -5.66 -3.02 16.39
N PRO A 272 -5.43 -4.20 16.92
CA PRO A 272 -5.61 -4.49 18.32
C PRO A 272 -4.62 -3.88 19.25
N LYS A 273 -5.00 -3.50 20.50
CA LYS A 273 -4.04 -2.89 21.46
C LYS A 273 -3.10 -3.88 22.07
N ASN A 274 -1.95 -3.41 22.46
CA ASN A 274 -0.97 -4.46 23.01
C ASN A 274 -1.16 -5.64 21.95
N THR A 275 -0.48 -5.29 20.89
CA THR A 275 -0.34 -6.23 19.73
C THR A 275 1.04 -6.77 19.87
N GLU A 276 1.69 -7.57 19.08
CA GLU A 276 3.15 -7.87 19.40
C GLU A 276 4.06 -7.25 18.40
N PRO A 277 5.29 -7.08 18.76
CA PRO A 277 6.27 -6.46 17.76
C PRO A 277 6.15 -7.34 16.51
N VAL A 278 6.05 -6.66 15.39
CA VAL A 278 5.89 -7.34 14.08
C VAL A 278 7.25 -7.48 13.47
N ILE A 279 8.28 -6.74 13.85
CA ILE A 279 9.61 -6.97 13.24
C ILE A 279 10.38 -7.97 14.07
N LYS A 280 10.84 -9.08 13.64
CA LYS A 280 11.60 -10.10 14.37
C LYS A 280 12.88 -9.54 14.97
N LYS A 281 13.06 -9.65 16.23
CA LYS A 281 14.29 -9.17 16.89
C LYS A 281 15.44 -10.12 16.59
N ARG A 282 16.61 -9.54 16.33
CA ARG A 282 17.79 -10.32 16.09
C ARG A 282 18.15 -11.20 17.27
N LYS A 283 18.69 -12.34 16.88
CA LYS A 283 19.25 -13.19 18.12
C LYS A 283 20.70 -12.84 18.05
N GLY A 284 21.15 -11.73 18.54
CA GLY A 284 22.57 -11.33 18.38
C GLY A 284 22.59 -9.85 18.06
N ASP A 285 23.68 -9.28 17.74
CA ASP A 285 23.98 -8.06 17.26
C ASP A 285 23.45 -7.54 15.99
N ILE A 286 23.76 -6.18 15.81
CA ILE A 286 23.43 -5.69 14.42
C ILE A 286 24.42 -6.48 13.47
N LYS A 287 25.61 -6.73 14.06
CA LYS A 287 26.67 -7.37 13.32
C LYS A 287 26.42 -8.83 13.03
N SER A 288 25.47 -9.46 13.66
CA SER A 288 25.21 -10.92 13.46
C SER A 288 24.87 -11.44 12.13
N TYR A 289 25.14 -12.66 11.75
CA TYR A 289 24.65 -13.10 10.38
C TYR A 289 23.33 -13.84 10.48
N GLY B 8 23.90 26.53 -15.83
CA GLY B 8 24.17 26.80 -14.33
C GLY B 8 22.84 26.46 -13.60
N TYR B 9 21.96 25.82 -14.40
CA TYR B 9 20.66 25.42 -13.68
C TYR B 9 21.07 24.29 -12.82
N SER B 10 20.59 24.25 -11.59
CA SER B 10 20.94 23.07 -10.73
C SER B 10 19.58 22.46 -10.41
N ASP B 11 19.50 21.27 -10.08
CA ASP B 11 18.36 20.62 -9.54
C ASP B 11 17.88 21.25 -8.22
N ARG B 12 18.83 21.89 -7.59
CA ARG B 12 19.05 22.57 -6.39
C ARG B 12 18.36 23.89 -6.19
N VAL B 13 18.37 24.81 -7.10
CA VAL B 13 17.65 26.08 -6.98
C VAL B 13 16.35 26.05 -7.75
N GLN B 14 15.28 26.58 -7.28
CA GLN B 14 14.00 26.54 -7.96
C GLN B 14 13.14 27.70 -7.58
N GLN B 15 12.22 28.01 -8.46
CA GLN B 15 11.26 29.06 -8.22
C GLN B 15 9.88 28.54 -8.63
N ILE B 16 8.89 28.63 -7.79
CA ILE B 16 7.51 28.26 -8.18
C ILE B 16 6.64 29.48 -8.06
N THR B 17 6.06 30.02 -9.05
CA THR B 17 5.20 31.20 -8.97
C THR B 17 3.78 30.72 -9.24
N LEU B 18 2.91 31.00 -8.37
CA LEU B 18 1.51 30.46 -8.53
C LEU B 18 0.64 31.55 -7.94
N GLY B 19 -0.07 32.17 -8.82
CA GLY B 19 -0.97 33.24 -8.51
C GLY B 19 -0.10 34.48 -8.25
N ASN B 20 -0.22 34.93 -7.09
CA ASN B 20 0.35 36.25 -6.64
C ASN B 20 1.39 35.97 -5.62
N SER B 21 1.82 34.69 -5.58
CA SER B 21 2.81 34.24 -4.63
C SER B 21 3.95 33.40 -5.20
N THR B 22 5.17 33.62 -4.81
CA THR B 22 6.33 32.94 -5.28
C THR B 22 7.20 32.40 -4.17
N ILE B 23 7.76 31.25 -4.36
CA ILE B 23 8.67 30.53 -3.49
C ILE B 23 10.03 30.32 -4.13
N THR B 24 11.11 30.55 -3.49
CA THR B 24 12.42 30.29 -4.08
C THR B 24 13.11 29.32 -3.11
N THR B 25 13.74 28.31 -3.56
CA THR B 25 14.58 27.46 -2.79
C THR B 25 15.95 27.37 -3.47
N GLN B 26 16.95 27.49 -2.65
CA GLN B 26 18.34 27.43 -3.16
C GLN B 26 18.95 26.08 -2.77
N GLU B 27 18.19 25.18 -2.22
CA GLU B 27 18.68 23.88 -1.80
C GLU B 27 17.70 22.76 -1.88
N ALA B 28 17.10 22.57 -3.01
CA ALA B 28 16.08 21.63 -3.34
C ALA B 28 16.72 20.28 -3.68
N ALA B 29 15.98 19.21 -3.83
CA ALA B 29 16.39 17.91 -4.27
C ALA B 29 15.30 17.45 -5.26
N ASN B 30 15.36 18.14 -6.39
CA ASN B 30 14.35 17.84 -7.51
C ASN B 30 12.94 18.03 -6.93
N ALA B 31 11.88 17.49 -7.42
CA ALA B 31 10.52 17.64 -6.93
C ALA B 31 9.79 16.38 -7.43
N VAL B 32 8.81 15.97 -6.73
CA VAL B 32 8.11 14.75 -7.10
C VAL B 32 6.76 15.19 -7.65
N VAL B 33 6.35 14.46 -8.68
CA VAL B 33 4.99 14.70 -9.22
C VAL B 33 4.26 13.36 -9.08
N CYS B 34 3.36 13.27 -8.12
CA CYS B 34 2.71 12.01 -7.83
C CYS B 34 2.32 11.20 -9.03
N TYR B 35 2.80 9.95 -9.09
CA TYR B 35 2.36 9.00 -10.13
C TYR B 35 2.65 9.59 -11.48
N ALA B 36 3.63 10.49 -11.46
CA ALA B 36 4.08 11.11 -12.73
C ALA B 36 2.95 11.82 -13.43
N GLU B 37 1.96 12.35 -12.84
CA GLU B 37 0.90 13.12 -13.43
C GLU B 37 0.73 14.47 -12.82
N TRP B 38 0.56 15.44 -13.59
CA TRP B 38 0.45 16.89 -13.17
C TRP B 38 -0.94 17.29 -13.04
N PRO B 39 -1.35 18.12 -12.13
CA PRO B 39 -2.83 18.40 -11.90
C PRO B 39 -3.47 18.86 -13.18
N GLU B 40 -4.62 18.52 -13.62
CA GLU B 40 -5.36 19.04 -14.77
C GLU B 40 -6.86 19.17 -14.48
N TYR B 41 -7.61 19.99 -15.19
CA TYR B 41 -9.06 20.11 -14.90
C TYR B 41 -9.80 18.84 -15.36
N LEU B 42 -11.10 18.90 -14.98
CA LEU B 42 -11.93 17.71 -15.21
C LEU B 42 -12.48 17.72 -16.62
N PRO B 43 -12.08 16.78 -17.41
CA PRO B 43 -12.55 16.64 -18.79
C PRO B 43 -14.01 16.28 -18.89
N ASP B 44 -14.70 16.64 -19.97
CA ASP B 44 -16.11 16.36 -20.13
C ASP B 44 -16.40 14.86 -20.20
N VAL B 45 -15.47 14.18 -20.81
CA VAL B 45 -15.70 12.72 -21.06
C VAL B 45 -15.80 12.05 -19.67
N ASP B 46 -15.19 12.65 -18.67
CA ASP B 46 -15.21 12.12 -17.31
C ASP B 46 -16.27 12.72 -16.38
N ALA B 47 -16.92 13.76 -16.79
CA ALA B 47 -17.92 14.50 -16.09
C ALA B 47 -19.22 13.76 -15.91
N SER B 48 -19.93 14.05 -14.84
CA SER B 48 -21.22 13.51 -14.54
C SER B 48 -22.22 14.63 -14.14
N ASP B 49 -21.92 15.34 -13.11
CA ASP B 49 -22.78 16.50 -12.70
C ASP B 49 -22.93 17.45 -13.90
N VAL B 50 -24.14 17.95 -14.21
CA VAL B 50 -24.30 18.74 -15.41
C VAL B 50 -23.97 20.19 -15.19
N ASN B 51 -23.62 20.54 -13.99
CA ASN B 51 -23.40 21.98 -13.67
C ASN B 51 -22.14 22.53 -14.25
N LYS B 52 -22.16 23.69 -14.76
CA LYS B 52 -20.87 24.36 -15.28
C LYS B 52 -20.00 24.55 -14.09
N THR B 53 -18.73 24.35 -13.97
CA THR B 53 -18.01 24.56 -12.67
C THR B 53 -17.42 25.93 -12.54
N SER B 54 -16.90 26.34 -11.39
CA SER B 54 -16.38 27.75 -11.22
C SER B 54 -14.89 27.63 -11.05
N LYS B 55 -14.14 28.45 -11.73
CA LYS B 55 -12.63 28.19 -11.60
C LYS B 55 -12.03 29.50 -11.19
N PRO B 56 -11.97 29.78 -9.91
CA PRO B 56 -11.54 31.06 -9.38
C PRO B 56 -10.13 31.35 -9.81
N ASP B 57 -9.39 30.35 -10.32
CA ASP B 57 -8.07 30.64 -10.79
C ASP B 57 -7.16 31.25 -9.71
N THR B 58 -6.57 32.39 -10.04
CA THR B 58 -5.52 32.98 -9.24
C THR B 58 -5.93 33.36 -7.85
N SER B 59 -7.15 33.44 -7.52
CA SER B 59 -7.56 33.84 -6.16
C SER B 59 -7.55 32.64 -5.26
N VAL B 60 -7.63 31.43 -5.72
CA VAL B 60 -7.55 30.24 -4.95
C VAL B 60 -6.26 29.51 -5.28
N CYS B 61 -5.66 29.73 -6.43
CA CYS B 61 -4.43 28.89 -6.73
C CYS B 61 -3.19 29.62 -6.41
N ARG B 62 -2.96 29.95 -5.18
CA ARG B 62 -1.78 30.69 -4.70
C ARG B 62 -1.25 29.91 -3.53
N PHE B 63 -0.19 30.38 -2.88
CA PHE B 63 0.45 29.56 -1.79
C PHE B 63 0.00 29.98 -0.43
N TYR B 64 -0.62 29.13 0.34
CA TYR B 64 -0.95 29.42 1.77
C TYR B 64 0.10 28.79 2.69
N THR B 65 0.75 29.57 3.55
CA THR B 65 1.72 28.98 4.51
C THR B 65 1.05 28.68 5.81
N LEU B 66 0.76 27.47 6.16
CA LEU B 66 0.29 27.05 7.47
C LEU B 66 1.26 27.47 8.60
N ASP B 67 0.66 27.53 9.79
CA ASP B 67 1.49 27.82 10.97
C ASP B 67 2.62 26.89 11.23
N SER B 68 3.74 27.39 11.74
CA SER B 68 4.95 26.53 11.84
C SER B 68 5.10 25.48 12.83
N LYS B 69 5.70 24.37 12.71
CA LYS B 69 5.90 23.33 13.75
C LYS B 69 7.35 23.44 14.27
N THR B 70 7.61 22.77 15.41
CA THR B 70 8.93 22.78 16.01
C THR B 70 9.50 21.38 16.22
N TRP B 71 10.53 21.12 15.47
CA TRP B 71 11.15 19.76 15.48
C TRP B 71 12.11 19.85 16.65
N THR B 72 11.90 18.90 17.48
CA THR B 72 12.79 18.73 18.64
C THR B 72 13.08 17.21 18.69
N THR B 73 14.05 17.02 19.55
CA THR B 73 14.58 15.67 19.65
C THR B 73 13.54 14.71 20.06
N GLY B 74 12.47 15.20 20.64
CA GLY B 74 11.43 14.22 20.97
C GLY B 74 10.32 14.07 19.98
N SER B 75 10.37 14.77 18.86
CA SER B 75 9.19 14.83 17.92
C SER B 75 8.83 13.51 17.36
N LYS B 76 7.60 13.15 17.17
CA LYS B 76 7.27 11.89 16.52
C LYS B 76 6.85 12.15 15.08
N GLY B 77 6.24 13.23 14.75
CA GLY B 77 5.89 13.47 13.28
C GLY B 77 4.60 14.21 13.25
N TRP B 78 4.12 14.80 12.18
CA TRP B 78 2.83 15.55 12.14
C TRP B 78 2.04 15.09 10.92
N CYS B 79 0.77 15.27 10.91
CA CYS B 79 -0.05 14.83 9.81
C CYS B 79 -1.11 15.87 9.51
N TRP B 80 -1.24 16.30 8.27
CA TRP B 80 -2.27 17.24 7.83
C TRP B 80 -3.15 16.51 6.77
N LYS B 81 -4.37 16.88 6.69
CA LYS B 81 -5.27 16.28 5.65
C LYS B 81 -5.64 17.37 4.67
N LEU B 82 -5.86 17.05 3.39
CA LEU B 82 -6.27 18.00 2.33
C LEU B 82 -7.63 17.56 1.77
N PRO B 83 -8.57 18.45 1.48
CA PRO B 83 -8.42 19.88 1.60
C PRO B 83 -8.56 20.49 2.95
N ASP B 84 -8.70 19.76 4.03
CA ASP B 84 -8.93 20.28 5.38
C ASP B 84 -7.96 21.40 5.80
N ALA B 85 -6.68 21.10 5.82
CA ALA B 85 -5.68 22.05 6.18
C ALA B 85 -6.00 23.39 5.58
N LEU B 86 -6.61 23.47 4.45
CA LEU B 86 -6.84 24.81 3.85
C LEU B 86 -8.24 25.31 4.09
N LYS B 87 -9.11 24.72 4.82
CA LYS B 87 -10.52 25.03 5.05
C LYS B 87 -10.76 26.44 5.44
N ASP B 88 -9.79 27.14 5.92
CA ASP B 88 -9.86 28.52 6.29
C ASP B 88 -8.96 29.46 5.56
N MET B 89 -8.31 29.09 4.47
CA MET B 89 -7.41 30.00 3.80
C MET B 89 -8.16 30.77 2.74
N GLY B 90 -8.26 32.04 2.99
CA GLY B 90 -8.72 33.06 2.01
C GLY B 90 -9.96 32.60 1.28
N VAL B 91 -10.01 32.91 -0.01
CA VAL B 91 -11.18 32.54 -0.81
C VAL B 91 -11.23 31.06 -1.13
N PHE B 92 -10.14 30.31 -0.92
CA PHE B 92 -10.14 28.87 -1.21
C PHE B 92 -11.20 28.28 -0.28
N GLY B 93 -10.99 28.56 0.99
CA GLY B 93 -11.90 28.13 2.02
C GLY B 93 -13.31 28.55 1.82
N GLN B 94 -13.60 29.74 1.39
CA GLN B 94 -15.02 30.17 1.30
C GLN B 94 -15.73 29.29 0.27
N ASN B 95 -15.06 29.16 -0.87
CA ASN B 95 -15.56 28.41 -2.03
C ASN B 95 -15.91 27.01 -1.57
N MET B 96 -15.01 26.49 -0.74
CA MET B 96 -15.10 25.15 -0.17
C MET B 96 -16.39 24.96 0.58
N PHE B 97 -16.76 25.87 1.48
CA PHE B 97 -17.97 25.75 2.29
C PHE B 97 -19.24 26.07 1.55
N PHE B 98 -19.15 26.88 0.52
CA PHE B 98 -20.21 27.34 -0.30
C PHE B 98 -20.51 26.41 -1.45
N HIS B 99 -19.69 25.58 -2.04
CA HIS B 99 -20.22 24.70 -3.11
C HIS B 99 -20.41 23.29 -2.59
N SER B 100 -21.33 22.61 -3.15
CA SER B 100 -21.65 21.22 -2.94
C SER B 100 -20.51 20.30 -3.31
N LEU B 101 -19.74 20.59 -4.29
CA LEU B 101 -18.65 19.71 -4.80
C LEU B 101 -17.46 20.51 -5.19
N GLY B 102 -16.29 19.99 -5.19
CA GLY B 102 -15.12 20.90 -5.61
C GLY B 102 -14.05 19.85 -5.98
N ARG B 103 -12.98 20.29 -6.53
CA ARG B 103 -11.90 19.29 -6.91
C ARG B 103 -10.62 20.07 -6.99
N SER B 104 -9.47 19.47 -6.63
CA SER B 104 -8.23 20.28 -6.68
C SER B 104 -6.97 19.47 -6.66
N GLY B 105 -5.87 19.94 -7.15
CA GLY B 105 -4.55 19.30 -7.05
C GLY B 105 -3.77 20.27 -6.16
N TYR B 106 -2.53 20.00 -5.77
CA TYR B 106 -1.81 20.96 -4.93
C TYR B 106 -0.32 20.92 -5.22
N THR B 107 0.38 22.00 -4.90
CA THR B 107 1.84 21.95 -4.83
C THR B 107 2.16 22.04 -3.31
N VAL B 108 2.83 21.12 -2.71
CA VAL B 108 3.19 21.13 -1.28
C VAL B 108 4.66 21.46 -1.17
N HIS B 109 5.04 22.42 -0.38
CA HIS B 109 6.51 22.78 -0.29
C HIS B 109 6.89 22.69 1.17
N VAL B 110 7.55 21.73 1.71
CA VAL B 110 7.92 21.67 3.17
C VAL B 110 9.33 22.21 3.36
N GLN B 111 9.52 23.09 4.29
CA GLN B 111 10.76 23.82 4.52
C GLN B 111 11.42 23.58 5.89
N CYS B 112 12.71 23.29 5.89
CA CYS B 112 13.43 23.15 7.15
C CYS B 112 14.90 23.39 6.97
N ASN B 113 15.43 24.52 7.34
CA ASN B 113 16.90 24.75 7.12
C ASN B 113 17.68 24.68 8.44
N ALA B 114 18.93 24.36 8.42
CA ALA B 114 19.76 24.15 9.62
C ALA B 114 21.16 24.63 9.32
N THR B 115 22.21 23.94 9.65
CA THR B 115 23.57 24.39 9.22
C THR B 115 24.37 23.13 8.88
N LYS B 116 25.62 23.28 8.41
CA LYS B 116 26.38 22.05 8.05
C LYS B 116 26.88 21.31 9.28
N PHE B 117 26.44 21.65 10.47
CA PHE B 117 26.87 20.88 11.67
C PHE B 117 25.68 20.08 12.17
N HIS B 118 24.46 20.45 11.74
CA HIS B 118 23.26 19.66 12.18
C HIS B 118 23.15 18.37 11.41
N SER B 119 22.38 17.41 11.87
CA SER B 119 22.06 16.14 11.24
C SER B 119 20.55 15.94 11.57
N GLY B 120 19.95 15.11 10.82
CA GLY B 120 18.45 14.87 11.05
C GLY B 120 17.92 14.60 9.62
N CYS B 121 16.85 13.90 9.50
CA CYS B 121 16.29 13.62 8.18
C CYS B 121 14.81 13.44 8.28
N LEU B 122 13.93 14.18 7.63
CA LEU B 122 12.47 14.05 7.74
C LEU B 122 11.96 13.27 6.53
N LEU B 123 10.94 12.50 6.59
CA LEU B 123 10.30 11.86 5.40
C LEU B 123 9.10 12.75 5.06
N VAL B 124 8.87 13.22 3.92
CA VAL B 124 7.70 14.02 3.55
C VAL B 124 6.88 13.16 2.61
N VAL B 125 5.71 12.67 2.94
CA VAL B 125 5.01 11.70 2.06
C VAL B 125 3.58 12.07 1.89
N VAL B 126 3.01 11.77 0.75
CA VAL B 126 1.57 12.06 0.50
C VAL B 126 0.83 10.75 0.40
N ILE B 127 -0.15 10.46 1.20
CA ILE B 127 -0.86 9.16 1.14
C ILE B 127 -2.28 9.30 0.62
N PRO B 128 -2.59 8.82 -0.58
CA PRO B 128 -3.97 8.96 -1.10
C PRO B 128 -4.83 8.06 -0.24
N GLU B 129 -5.99 8.54 0.15
CA GLU B 129 -6.97 7.90 0.99
C GLU B 129 -6.47 7.33 2.27
N HIS B 130 -5.82 8.04 3.11
CA HIS B 130 -5.30 7.64 4.40
C HIS B 130 -6.34 7.42 5.47
N GLN B 131 -7.05 6.34 5.48
CA GLN B 131 -8.11 6.03 6.48
C GLN B 131 -7.41 5.71 7.78
N LEU B 132 -7.59 6.46 8.82
CA LEU B 132 -6.87 6.31 10.13
C LEU B 132 -7.48 5.18 10.94
N ALA B 133 -6.81 4.72 11.95
CA ALA B 133 -7.33 3.65 12.85
C ALA B 133 -7.67 4.24 14.20
N SER B 134 -8.66 3.66 14.87
CA SER B 134 -9.01 4.12 16.24
C SER B 134 -7.99 3.49 17.17
N HIS B 135 -7.45 4.15 18.13
CA HIS B 135 -6.54 3.47 19.11
C HIS B 135 -7.33 2.52 19.98
N GLU B 136 -8.63 2.63 20.10
CA GLU B 136 -9.42 1.68 20.86
C GLU B 136 -9.41 0.27 20.33
N GLY B 137 -9.13 0.05 19.10
CA GLY B 137 -9.20 -1.33 18.50
C GLY B 137 -10.62 -1.65 18.09
N GLY B 138 -10.90 -2.92 17.98
CA GLY B 138 -12.27 -3.37 17.65
C GLY B 138 -12.85 -2.67 16.49
N ASN B 139 -13.96 -2.02 16.60
CA ASN B 139 -14.53 -1.28 15.43
C ASN B 139 -14.95 0.09 15.92
N VAL B 140 -14.18 0.60 16.85
CA VAL B 140 -14.43 1.98 17.36
C VAL B 140 -14.19 2.91 16.18
N SER B 141 -15.01 3.93 16.00
CA SER B 141 -14.75 4.83 14.81
C SER B 141 -13.86 5.97 15.22
N VAL B 142 -13.42 6.81 14.34
CA VAL B 142 -12.61 7.98 14.63
C VAL B 142 -13.53 9.17 14.31
N LYS B 143 -13.97 9.90 15.30
CA LYS B 143 -14.90 10.99 15.06
C LYS B 143 -14.25 12.08 14.15
N TYR B 144 -15.17 12.69 13.43
CA TYR B 144 -15.06 13.73 12.43
C TYR B 144 -14.05 14.78 12.84
N THR B 145 -14.40 15.43 13.88
CA THR B 145 -13.45 16.44 14.42
C THR B 145 -12.05 15.90 14.47
N PHE B 146 -11.86 14.71 14.92
CA PHE B 146 -10.49 14.20 14.99
C PHE B 146 -9.79 14.06 13.69
N THR B 147 -10.44 13.89 12.59
CA THR B 147 -9.82 13.72 11.31
C THR B 147 -9.97 15.04 10.55
N HIS B 148 -10.30 16.09 11.18
CA HIS B 148 -10.41 17.39 10.53
C HIS B 148 -9.73 18.46 11.38
N PRO B 149 -8.48 18.22 11.78
CA PRO B 149 -7.73 19.13 12.58
C PRO B 149 -7.55 20.47 11.98
N GLY B 150 -7.79 20.68 10.72
CA GLY B 150 -7.59 22.07 10.17
C GLY B 150 -6.09 22.29 10.08
N GLU B 151 -5.74 23.55 10.09
CA GLU B 151 -4.33 23.98 9.77
C GLU B 151 -3.44 23.43 10.81
N ARG B 152 -3.93 23.15 11.98
CA ARG B 152 -3.12 22.63 13.09
C ARG B 152 -2.56 21.26 12.79
N GLY B 153 -3.32 20.46 12.05
CA GLY B 153 -2.90 19.10 11.67
C GLY B 153 -2.94 18.25 12.94
N ILE B 154 -2.53 17.07 12.91
CA ILE B 154 -2.49 16.11 13.97
C ILE B 154 -1.05 15.97 14.44
N ASP B 155 -0.76 15.94 15.72
CA ASP B 155 0.60 15.85 16.25
C ASP B 155 0.71 14.44 16.86
N LEU B 156 1.45 13.68 16.13
CA LEU B 156 1.70 12.29 16.47
C LEU B 156 2.37 12.12 17.79
N SER B 157 2.69 13.15 18.49
CA SER B 157 3.37 12.90 19.81
C SER B 157 2.43 13.45 20.88
N SER B 158 1.24 13.83 20.46
CA SER B 158 0.19 14.26 21.38
C SER B 158 -0.41 12.98 21.98
N ALA B 159 -1.23 13.11 22.98
CA ALA B 159 -1.81 11.90 23.63
C ALA B 159 -3.03 11.31 22.97
N ASN B 160 -3.24 9.99 23.16
CA ASN B 160 -4.52 9.43 22.61
C ASN B 160 -5.66 10.26 23.16
N GLU B 161 -6.65 10.52 22.36
CA GLU B 161 -7.87 11.23 22.92
C GLU B 161 -9.06 10.33 22.56
N VAL B 162 -10.24 10.73 22.98
CA VAL B 162 -11.35 9.68 22.85
C VAL B 162 -12.07 9.99 21.60
N GLY B 163 -12.06 9.05 20.68
CA GLY B 163 -12.81 9.32 19.42
C GLY B 163 -11.83 9.81 18.37
N GLY B 164 -10.61 9.94 18.85
CA GLY B 164 -9.50 10.33 17.96
C GLY B 164 -8.83 9.05 17.41
N PRO B 165 -7.89 9.26 16.47
CA PRO B 165 -7.11 8.19 15.86
C PRO B 165 -5.97 7.76 16.75
N VAL B 166 -5.33 6.67 16.44
CA VAL B 166 -4.11 6.19 17.15
C VAL B 166 -2.95 7.04 16.66
N LYS B 167 -1.88 7.27 17.43
CA LYS B 167 -0.82 8.18 16.87
C LYS B 167 0.52 7.54 16.87
N ASP B 168 0.56 6.26 16.85
CA ASP B 168 1.76 5.41 16.86
C ASP B 168 2.52 5.53 15.58
N VAL B 169 3.63 6.12 15.39
CA VAL B 169 4.36 6.22 14.16
C VAL B 169 4.83 4.90 13.52
N LEU B 170 5.41 3.92 14.19
CA LEU B 170 5.90 2.72 13.38
C LEU B 170 4.67 2.16 12.66
N TYR B 171 3.45 2.55 12.87
CA TYR B 171 2.33 1.96 12.12
C TYR B 171 1.55 2.88 11.22
N ASN B 172 2.01 4.05 10.81
CA ASN B 172 1.38 4.94 9.89
C ASN B 172 -0.05 5.28 10.30
N MET B 173 -0.45 5.14 11.53
CA MET B 173 -1.83 5.43 11.93
C MET B 173 -2.83 4.49 11.24
N ASN B 174 -2.36 3.34 10.75
CA ASN B 174 -3.29 2.39 10.14
C ASN B 174 -2.86 0.95 10.09
N GLY B 175 -1.92 0.40 10.77
CA GLY B 175 -1.67 -1.01 10.67
C GLY B 175 -0.69 -1.34 9.58
N THR B 176 0.07 -0.40 9.12
CA THR B 176 1.17 -0.71 8.10
C THR B 176 2.47 -0.20 8.62
N LEU B 177 3.61 -0.66 8.18
CA LEU B 177 4.88 -0.22 8.81
C LEU B 177 5.48 1.04 8.20
N LEU B 178 6.02 1.94 9.02
CA LEU B 178 6.65 3.18 8.62
C LEU B 178 7.61 2.93 7.45
N GLY B 179 8.45 1.97 7.55
CA GLY B 179 9.37 1.59 6.50
C GLY B 179 8.79 1.50 5.14
N ASN B 180 7.54 1.17 4.88
CA ASN B 180 6.97 1.00 3.56
C ASN B 180 6.21 2.16 3.05
N LEU B 181 6.29 3.26 3.63
CA LEU B 181 5.57 4.49 3.24
C LEU B 181 6.24 5.00 1.97
N LEU B 182 7.40 4.46 1.71
CA LEU B 182 8.20 4.87 0.55
C LEU B 182 7.49 4.42 -0.72
N ILE B 183 6.51 3.48 -0.64
CA ILE B 183 5.77 3.20 -1.89
C ILE B 183 4.88 4.41 -2.26
N PHE B 184 4.61 5.37 -1.38
CA PHE B 184 3.83 6.58 -1.73
C PHE B 184 4.75 7.70 -2.21
N PRO B 185 4.25 8.57 -3.10
CA PRO B 185 5.10 9.71 -3.60
C PRO B 185 5.73 10.36 -2.40
N HIS B 186 7.00 10.49 -2.32
CA HIS B 186 7.57 11.12 -1.10
C HIS B 186 8.91 11.69 -1.42
N GLN B 187 9.44 12.40 -0.47
CA GLN B 187 10.86 13.04 -0.72
C GLN B 187 11.45 13.17 0.63
N PHE B 188 12.73 13.12 0.91
CA PHE B 188 13.33 13.22 2.26
C PHE B 188 13.85 14.64 2.41
N ILE B 189 14.02 15.17 3.57
CA ILE B 189 14.70 16.47 3.80
C ILE B 189 15.92 16.05 4.67
N ASN B 190 17.07 15.91 4.16
CA ASN B 190 18.26 15.42 5.00
C ASN B 190 19.12 16.70 5.16
N LEU B 191 19.18 17.19 6.39
CA LEU B 191 19.80 18.50 6.65
C LEU B 191 21.07 18.63 5.87
N ARG B 192 21.80 17.55 5.75
CA ARG B 192 23.08 17.59 5.05
C ARG B 192 22.93 17.78 3.56
N THR B 193 21.80 17.63 2.91
CA THR B 193 21.61 17.67 1.50
C THR B 193 20.71 18.77 1.01
N ASN B 194 19.52 18.70 1.30
CA ASN B 194 18.24 19.21 1.21
C ASN B 194 17.79 20.22 2.18
N ASN B 195 16.89 21.16 1.93
CA ASN B 195 16.34 22.07 2.97
C ASN B 195 14.85 22.18 2.72
N THR B 196 14.38 21.77 1.56
CA THR B 196 12.94 21.73 1.26
C THR B 196 12.64 20.41 0.57
N ALA B 197 11.37 20.11 0.44
CA ALA B 197 10.73 18.97 -0.22
C ALA B 197 9.56 19.57 -1.00
N THR B 198 9.32 19.21 -2.23
CA THR B 198 8.19 19.72 -3.01
C THR B 198 7.53 18.55 -3.72
N ILE B 199 6.24 18.43 -3.57
CA ILE B 199 5.49 17.35 -4.21
C ILE B 199 4.32 17.96 -4.94
N VAL B 200 4.06 17.66 -6.18
CA VAL B 200 2.87 18.15 -6.94
C VAL B 200 1.88 17.01 -6.90
N ILE B 201 0.67 17.27 -6.44
CA ILE B 201 -0.39 16.24 -6.28
C ILE B 201 -1.53 16.47 -7.28
N PRO B 202 -1.71 15.53 -8.18
CA PRO B 202 -2.82 15.53 -9.12
C PRO B 202 -4.06 15.11 -8.34
N TYR B 203 -5.23 15.35 -8.72
CA TYR B 203 -6.47 14.96 -8.03
C TYR B 203 -6.68 13.48 -8.11
N ILE B 204 -6.73 12.69 -7.08
CA ILE B 204 -6.87 11.21 -7.17
C ILE B 204 -8.13 10.76 -6.50
N ASN B 205 -9.12 10.30 -7.14
CA ASN B 205 -10.40 9.87 -6.52
C ASN B 205 -11.05 8.83 -7.42
N SER B 206 -12.08 8.13 -6.95
CA SER B 206 -12.82 7.12 -7.68
C SER B 206 -14.11 7.76 -8.26
N VAL B 207 -14.31 9.01 -8.00
CA VAL B 207 -15.39 9.80 -8.59
C VAL B 207 -14.80 11.06 -9.18
N PRO B 208 -15.48 11.64 -10.17
CA PRO B 208 -14.90 12.78 -10.88
C PRO B 208 -14.75 14.05 -10.09
N ILE B 209 -15.53 14.24 -9.09
CA ILE B 209 -15.60 15.41 -8.21
C ILE B 209 -16.33 14.88 -6.95
N ASP B 210 -16.05 15.45 -5.85
CA ASP B 210 -16.57 14.94 -4.58
C ASP B 210 -16.90 16.04 -3.63
N SER B 211 -17.26 15.74 -2.43
CA SER B 211 -17.52 16.78 -1.42
C SER B 211 -16.22 17.17 -0.78
N MET B 212 -15.95 18.42 -0.51
CA MET B 212 -14.65 18.78 0.09
C MET B 212 -14.70 18.66 1.57
N THR B 213 -15.84 18.53 2.17
CA THR B 213 -15.90 18.51 3.64
C THR B 213 -16.08 17.13 4.10
N ARG B 214 -16.81 16.24 3.52
CA ARG B 214 -16.96 14.89 4.17
C ARG B 214 -15.85 14.00 3.78
N HIS B 215 -14.97 14.37 2.91
CA HIS B 215 -13.89 13.39 2.52
C HIS B 215 -12.57 14.06 2.22
N ASN B 216 -11.50 13.70 2.85
CA ASN B 216 -10.18 14.28 2.61
C ASN B 216 -9.53 13.30 1.63
N ASN B 217 -8.80 13.77 0.66
CA ASN B 217 -8.30 12.80 -0.32
C ASN B 217 -6.84 12.60 -0.18
N VAL B 218 -6.08 13.30 0.62
CA VAL B 218 -4.64 12.92 0.84
C VAL B 218 -4.31 13.38 2.27
N SER B 219 -3.39 12.68 2.85
CA SER B 219 -2.84 13.24 4.15
C SER B 219 -1.37 13.54 3.73
N LEU B 220 -0.87 14.63 4.12
CA LEU B 220 0.55 14.99 3.94
C LEU B 220 1.15 14.57 5.27
N MET B 221 2.25 13.95 5.35
CA MET B 221 2.83 13.52 6.64
C MET B 221 4.28 13.92 6.69
N VAL B 222 4.74 14.59 7.71
CA VAL B 222 6.20 14.92 7.82
C VAL B 222 6.66 14.13 9.05
N ILE B 223 7.59 13.23 8.94
CA ILE B 223 8.05 12.36 10.07
C ILE B 223 9.51 12.40 10.29
N PRO B 224 10.01 12.83 11.44
CA PRO B 224 11.50 12.77 11.65
C PRO B 224 11.88 11.29 11.62
N ILE B 225 12.87 10.85 10.96
CA ILE B 225 13.33 9.45 10.92
C ILE B 225 14.74 9.39 11.51
N ALA B 226 15.68 10.16 11.03
CA ALA B 226 16.99 10.23 11.72
C ALA B 226 16.73 11.50 12.61
N PRO B 227 16.79 11.27 13.90
CA PRO B 227 16.59 12.29 14.93
C PRO B 227 17.40 13.53 14.68
N LEU B 228 16.83 14.65 15.15
CA LEU B 228 17.56 15.94 14.97
C LEU B 228 18.75 15.94 15.88
N THR B 229 19.89 16.30 15.40
CA THR B 229 21.09 16.38 16.29
C THR B 229 21.75 17.71 16.12
N VAL B 230 21.64 18.63 17.08
CA VAL B 230 22.26 19.96 16.84
C VAL B 230 23.70 20.01 17.31
N PRO B 231 24.43 20.94 16.72
CA PRO B 231 25.84 21.16 17.14
C PRO B 231 25.81 21.50 18.61
N THR B 232 26.94 21.37 19.23
CA THR B 232 27.17 21.57 20.62
C THR B 232 26.80 22.96 21.11
N GLY B 233 25.97 22.78 22.19
CA GLY B 233 25.41 24.05 22.78
C GLY B 233 24.60 24.84 21.77
N ALA B 234 24.04 24.16 20.79
CA ALA B 234 23.10 24.85 19.87
C ALA B 234 21.76 24.70 20.57
N THR B 235 20.82 25.54 20.22
CA THR B 235 19.46 25.25 20.69
C THR B 235 19.02 23.92 20.09
N PRO B 236 18.46 23.16 20.89
CA PRO B 236 18.05 21.82 20.40
C PRO B 236 16.79 21.84 19.63
N SER B 237 16.50 22.76 18.75
CA SER B 237 15.26 22.52 17.90
C SER B 237 15.32 23.33 16.64
N LEU B 238 14.54 22.97 15.64
CA LEU B 238 14.41 23.72 14.34
C LEU B 238 12.95 23.86 14.03
N PRO B 239 12.48 24.92 13.45
CA PRO B 239 11.01 25.00 13.03
C PRO B 239 10.87 24.28 11.72
N ILE B 240 9.77 23.72 11.43
CA ILE B 240 9.47 23.12 10.08
C ILE B 240 8.30 23.95 9.53
N THR B 241 8.29 24.49 8.36
CA THR B 241 7.10 25.22 7.86
C THR B 241 6.45 24.53 6.71
N VAL B 242 5.15 24.45 6.61
CA VAL B 242 4.52 23.78 5.41
C VAL B 242 3.81 24.84 4.60
N THR B 243 4.09 25.09 3.33
CA THR B 243 3.30 26.05 2.49
C THR B 243 2.62 25.23 1.43
N ILE B 244 1.38 25.31 1.18
CA ILE B 244 0.61 24.54 0.19
C ILE B 244 -0.26 25.39 -0.73
N ALA B 245 -0.27 25.09 -2.03
CA ALA B 245 -1.09 25.87 -2.99
C ALA B 245 -2.07 25.04 -3.75
N PRO B 246 -3.34 25.26 -3.65
CA PRO B 246 -4.31 24.56 -4.52
C PRO B 246 -3.93 24.89 -5.96
N MET B 247 -4.17 23.90 -6.82
CA MET B 247 -3.85 24.13 -8.29
C MET B 247 -4.89 23.35 -9.07
N CYS B 248 -5.30 24.03 -10.16
CA CYS B 248 -6.41 23.70 -11.02
C CYS B 248 -7.71 23.51 -10.21
N THR B 249 -8.05 24.28 -9.28
CA THR B 249 -9.25 24.09 -8.48
C THR B 249 -10.50 24.39 -9.22
N GLU B 250 -11.54 23.58 -9.02
CA GLU B 250 -12.87 23.80 -9.64
C GLU B 250 -13.94 23.53 -8.55
N PHE B 251 -14.92 24.37 -8.53
CA PHE B 251 -16.01 24.20 -7.55
C PHE B 251 -17.28 24.06 -8.35
N SER B 252 -18.22 23.34 -7.87
CA SER B 252 -19.51 23.16 -8.56
C SER B 252 -20.62 22.90 -7.59
N GLY B 253 -21.83 23.31 -7.99
CA GLY B 253 -23.04 23.12 -7.13
C GLY B 253 -23.04 24.10 -5.98
N ILE B 254 -23.17 25.38 -6.28
CA ILE B 254 -23.16 26.48 -5.35
C ILE B 254 -24.56 26.62 -4.72
N ARG B 255 -24.51 27.09 -3.50
CA ARG B 255 -25.73 27.21 -2.69
C ARG B 255 -25.49 27.92 -1.36
N SER B 256 -26.07 27.31 -0.36
CA SER B 256 -26.22 27.92 0.91
C SER B 256 -25.01 27.86 1.72
N LYS B 257 -24.07 27.03 1.69
CA LYS B 257 -22.93 27.19 2.71
C LYS B 257 -23.03 26.16 3.84
N SER B 258 -22.24 25.11 3.75
CA SER B 258 -22.24 23.99 4.61
C SER B 258 -21.96 24.42 6.05
N ILE B 259 -22.59 23.64 6.91
CA ILE B 259 -22.33 23.83 8.41
C ILE B 259 -21.69 22.55 8.91
N VAL B 260 -20.49 22.57 9.44
CA VAL B 260 -19.94 21.16 9.73
C VAL B 260 -19.70 21.09 11.20
N PRO B 261 -19.75 19.88 11.75
CA PRO B 261 -19.47 19.68 13.12
C PRO B 261 -18.23 20.46 13.58
N GLN B 262 -18.50 20.92 14.81
CA GLN B 262 -17.64 21.56 15.79
C GLN B 262 -17.12 22.88 15.31
N GLY C 1 -29.88 -35.28 -30.20
CA GLY C 1 -28.84 -35.65 -29.07
C GLY C 1 -27.45 -36.14 -29.25
N LEU C 2 -26.35 -35.35 -29.14
CA LEU C 2 -24.98 -35.74 -29.40
C LEU C 2 -24.32 -36.59 -28.35
N PRO C 3 -23.77 -37.77 -28.60
CA PRO C 3 -23.19 -38.67 -27.57
C PRO C 3 -21.97 -38.14 -26.90
N THR C 4 -21.85 -38.10 -25.60
CA THR C 4 -20.75 -37.63 -24.80
C THR C 4 -20.32 -38.70 -23.80
N THR C 5 -19.16 -38.51 -23.21
CA THR C 5 -18.57 -39.32 -22.15
C THR C 5 -18.01 -38.45 -21.05
N THR C 6 -18.28 -38.56 -19.78
CA THR C 6 -17.62 -37.49 -18.88
C THR C 6 -16.37 -38.00 -18.34
N LEU C 7 -15.34 -37.16 -18.15
CA LEU C 7 -14.01 -37.66 -17.67
C LEU C 7 -13.88 -37.49 -16.14
N PRO C 8 -12.84 -38.13 -15.64
CA PRO C 8 -12.47 -37.97 -14.23
C PRO C 8 -12.34 -36.47 -14.02
N GLY C 9 -12.80 -35.91 -12.94
CA GLY C 9 -12.64 -34.49 -12.59
C GLY C 9 -13.96 -33.76 -12.80
N SER C 10 -14.88 -34.43 -13.50
CA SER C 10 -16.19 -33.76 -13.69
C SER C 10 -16.74 -33.37 -12.31
N GLY C 11 -17.43 -32.27 -12.28
CA GLY C 11 -17.97 -31.71 -11.10
C GLY C 11 -16.97 -31.17 -10.14
N GLN C 12 -15.71 -31.22 -10.30
CA GLN C 12 -14.80 -30.67 -9.24
C GLN C 12 -14.80 -29.18 -9.28
N PHE C 13 -14.44 -28.52 -8.23
CA PHE C 13 -14.25 -27.01 -8.16
C PHE C 13 -12.77 -26.74 -7.88
N LEU C 14 -12.03 -26.23 -8.80
CA LEU C 14 -10.57 -25.97 -8.62
C LEU C 14 -10.43 -24.49 -8.45
N THR C 15 -10.01 -23.92 -7.34
CA THR C 15 -10.10 -22.45 -7.16
C THR C 15 -9.34 -21.70 -8.21
N THR C 16 -8.50 -22.31 -9.00
CA THR C 16 -7.60 -21.71 -9.98
C THR C 16 -7.91 -21.85 -11.42
N ASP C 17 -9.04 -22.45 -11.78
CA ASP C 17 -9.48 -22.72 -13.12
C ASP C 17 -10.08 -21.41 -13.64
N ASP C 18 -10.25 -21.20 -14.92
CA ASP C 18 -10.79 -19.92 -15.43
C ASP C 18 -11.79 -20.16 -16.54
N ARG C 19 -13.05 -20.14 -16.23
CA ARG C 19 -14.09 -20.44 -17.23
C ARG C 19 -15.20 -19.39 -17.23
N GLN C 20 -16.16 -19.60 -18.17
CA GLN C 20 -17.30 -18.65 -18.29
C GLN C 20 -18.43 -19.05 -17.33
N SER C 21 -19.26 -18.17 -16.93
CA SER C 21 -20.37 -18.33 -16.06
C SER C 21 -21.51 -17.46 -16.52
N PRO C 22 -22.69 -17.88 -16.21
CA PRO C 22 -23.86 -16.97 -16.51
C PRO C 22 -23.78 -15.72 -15.64
N SER C 23 -24.14 -14.55 -16.17
CA SER C 23 -24.22 -13.33 -15.34
C SER C 23 -25.57 -13.33 -14.59
N ALA C 24 -25.56 -13.11 -13.29
CA ALA C 24 -26.78 -13.00 -12.49
C ALA C 24 -27.57 -11.73 -12.83
N LEU C 25 -26.98 -10.68 -13.21
CA LEU C 25 -27.49 -9.41 -13.59
C LEU C 25 -27.38 -9.19 -15.13
N PRO C 26 -28.26 -9.86 -15.84
CA PRO C 26 -28.30 -9.73 -17.30
C PRO C 26 -28.66 -8.27 -17.58
N ASN C 27 -27.89 -7.75 -18.48
CA ASN C 27 -28.02 -6.46 -19.08
C ASN C 27 -27.71 -5.17 -18.38
N TYR C 28 -27.15 -5.30 -17.27
CA TYR C 28 -26.76 -4.23 -16.34
C TYR C 28 -25.61 -3.46 -16.90
N GLU C 29 -25.56 -2.22 -16.76
CA GLU C 29 -24.53 -1.36 -17.26
C GLU C 29 -23.66 -0.75 -16.25
N PRO C 30 -22.40 -1.19 -16.16
CA PRO C 30 -21.48 -0.69 -15.09
C PRO C 30 -21.16 0.77 -15.18
N THR C 31 -20.77 1.44 -14.09
CA THR C 31 -20.39 2.85 -14.12
C THR C 31 -19.21 3.03 -15.02
N PRO C 32 -19.20 4.11 -15.77
CA PRO C 32 -18.10 4.43 -16.72
C PRO C 32 -16.79 4.47 -16.00
N ARG C 33 -15.68 4.17 -16.60
CA ARG C 33 -14.38 4.34 -15.83
C ARG C 33 -13.95 5.79 -15.95
N ILE C 34 -13.39 6.45 -14.99
CA ILE C 34 -12.85 7.82 -15.22
C ILE C 34 -11.34 7.61 -15.12
N HIS C 35 -10.52 8.57 -15.27
CA HIS C 35 -9.05 8.32 -15.23
C HIS C 35 -8.54 8.39 -13.83
N ILE C 36 -7.67 7.58 -13.36
CA ILE C 36 -7.20 7.76 -11.92
C ILE C 36 -5.70 7.62 -12.07
N PRO C 37 -4.83 8.47 -11.62
CA PRO C 37 -3.37 8.26 -11.74
C PRO C 37 -3.01 7.00 -10.98
N GLY C 38 -1.88 6.37 -11.16
CA GLY C 38 -1.41 5.28 -10.42
C GLY C 38 -1.72 3.91 -10.73
N LYS C 39 -2.13 3.49 -11.90
CA LYS C 39 -2.55 2.09 -12.19
C LYS C 39 -1.37 1.17 -12.09
N VAL C 40 -1.61 0.02 -11.44
CA VAL C 40 -0.55 -1.04 -11.29
C VAL C 40 -0.86 -2.18 -12.22
N HIS C 41 0.05 -2.74 -12.96
CA HIS C 41 -0.31 -3.89 -13.76
C HIS C 41 0.38 -5.15 -13.24
N ASN C 42 1.59 -5.10 -12.83
CA ASN C 42 2.34 -6.28 -12.40
C ASN C 42 2.89 -6.06 -11.01
N LEU C 43 2.96 -7.07 -10.20
CA LEU C 43 3.60 -6.85 -8.87
C LEU C 43 5.09 -6.53 -9.15
N LEU C 44 5.55 -6.90 -10.33
CA LEU C 44 6.99 -6.65 -10.67
C LEU C 44 7.16 -5.16 -10.82
N GLU C 45 6.08 -4.41 -11.07
CA GLU C 45 6.30 -2.97 -11.22
C GLU C 45 6.64 -2.35 -9.88
N ILE C 46 5.92 -2.77 -8.85
CA ILE C 46 6.10 -2.16 -7.55
C ILE C 46 7.29 -2.64 -6.77
N ILE C 47 7.75 -3.89 -6.85
CA ILE C 47 8.93 -4.30 -6.05
C ILE C 47 10.20 -3.61 -6.53
N GLN C 48 10.16 -2.75 -7.54
CA GLN C 48 11.35 -1.98 -7.94
C GLN C 48 11.41 -0.65 -7.23
N VAL C 49 10.38 -0.24 -6.53
CA VAL C 49 10.45 0.98 -5.67
C VAL C 49 11.16 0.60 -4.40
N ASP C 50 12.14 1.37 -3.95
CA ASP C 50 12.87 0.91 -2.72
C ASP C 50 12.11 1.39 -1.49
N THR C 51 12.24 0.61 -0.45
CA THR C 51 11.68 0.87 0.88
C THR C 51 12.78 0.54 1.90
N LEU C 52 12.65 1.11 3.06
CA LEU C 52 13.58 1.05 4.17
C LEU C 52 13.59 -0.36 4.79
N ILE C 53 14.71 -0.83 5.22
CA ILE C 53 14.92 -2.09 5.92
C ILE C 53 15.16 -1.88 7.41
N PRO C 54 14.38 -2.48 8.27
CA PRO C 54 14.65 -2.31 9.74
C PRO C 54 15.89 -3.12 10.03
N MET C 55 17.06 -2.70 9.64
CA MET C 55 18.29 -3.43 9.80
C MET C 55 18.74 -3.61 11.24
N ASN C 56 18.52 -2.61 12.05
CA ASN C 56 18.81 -2.49 13.43
C ASN C 56 17.77 -3.15 14.35
N ASN C 57 17.20 -4.24 13.93
CA ASN C 57 16.48 -5.20 14.59
C ASN C 57 16.68 -5.59 16.06
N THR C 58 17.63 -5.13 16.72
CA THR C 58 18.06 -5.41 18.04
C THR C 58 17.17 -4.87 19.08
N HIS C 59 16.18 -4.09 18.74
CA HIS C 59 15.28 -3.65 19.83
C HIS C 59 14.36 -4.79 20.24
N THR C 60 13.56 -4.39 21.24
CA THR C 60 12.62 -5.29 21.87
C THR C 60 11.18 -5.05 21.62
N LYS C 61 10.81 -3.93 21.06
CA LYS C 61 9.39 -3.65 20.64
C LYS C 61 9.58 -2.89 19.32
N ASP C 62 8.71 -2.86 18.35
CA ASP C 62 9.00 -2.20 17.07
C ASP C 62 9.22 -0.70 17.32
N GLU C 63 10.28 -0.15 16.82
CA GLU C 63 10.56 1.29 16.99
C GLU C 63 11.24 1.89 15.79
N VAL C 64 11.10 3.22 15.61
CA VAL C 64 11.61 3.95 14.46
C VAL C 64 13.12 3.78 14.40
N ASN C 65 13.67 3.16 15.34
CA ASN C 65 15.09 3.18 15.61
C ASN C 65 15.78 2.01 15.07
N SER C 66 14.88 1.15 14.59
CA SER C 66 15.47 -0.16 14.08
C SER C 66 15.67 0.02 12.59
N TYR C 67 15.31 1.24 12.13
CA TYR C 67 15.56 1.61 10.74
C TYR C 67 16.92 2.31 10.71
N LEU C 68 17.43 2.73 11.86
CA LEU C 68 18.69 3.49 11.90
C LEU C 68 19.89 2.61 12.20
N ILE C 69 20.85 2.53 11.29
CA ILE C 69 22.14 1.84 11.50
C ILE C 69 23.10 2.86 12.06
N PRO C 70 23.61 2.69 13.26
CA PRO C 70 24.47 3.76 13.86
C PRO C 70 25.88 3.60 13.37
N LEU C 71 26.60 4.69 13.39
CA LEU C 71 28.00 4.80 12.98
C LEU C 71 28.74 5.50 14.14
N ASN C 72 29.92 5.07 14.49
CA ASN C 72 30.73 5.66 15.53
C ASN C 72 31.90 6.43 15.02
N ALA C 73 32.18 7.68 15.43
CA ALA C 73 33.38 8.41 14.91
C ALA C 73 34.67 7.75 15.34
N ASN C 74 35.72 8.02 14.62
CA ASN C 74 36.98 7.41 14.86
C ASN C 74 37.09 5.96 15.05
N ARG C 75 36.28 5.05 14.65
CA ARG C 75 36.67 3.58 14.75
C ARG C 75 37.34 3.24 13.38
N GLN C 76 38.23 2.37 13.34
CA GLN C 76 39.04 1.97 12.17
C GLN C 76 38.72 0.52 11.88
N ASN C 77 39.12 -0.11 10.84
CA ASN C 77 38.96 -1.52 10.56
C ASN C 77 37.70 -2.18 10.96
N GLU C 78 36.80 -1.79 11.73
CA GLU C 78 35.64 -2.51 12.32
C GLU C 78 34.42 -2.74 11.56
N GLN C 79 33.43 -3.50 12.03
CA GLN C 79 32.25 -3.85 11.23
C GLN C 79 30.99 -3.12 11.57
N VAL C 80 30.31 -2.49 10.58
CA VAL C 80 29.10 -1.71 10.79
C VAL C 80 27.85 -2.54 10.94
N PHE C 81 27.63 -3.58 10.22
CA PHE C 81 26.37 -4.39 10.33
C PHE C 81 26.59 -5.70 9.58
N GLY C 82 25.70 -6.64 9.67
CA GLY C 82 25.89 -7.94 8.94
C GLY C 82 24.45 -8.50 8.85
N THR C 83 24.14 -9.29 7.92
CA THR C 83 22.89 -9.95 7.75
C THR C 83 23.01 -11.06 6.69
N ASN C 84 22.22 -12.11 6.81
CA ASN C 84 22.27 -13.09 5.65
C ASN C 84 21.28 -12.54 4.60
N LEU C 85 21.19 -13.22 3.48
CA LEU C 85 20.24 -12.68 2.46
C LEU C 85 19.08 -13.64 2.32
N PHE C 86 18.35 -13.85 3.37
CA PHE C 86 17.09 -14.68 3.19
C PHE C 86 16.04 -13.57 3.06
N ILE C 87 15.78 -13.16 1.81
CA ILE C 87 14.83 -12.08 1.58
C ILE C 87 13.45 -12.38 2.10
N GLY C 88 13.13 -13.62 2.39
CA GLY C 88 11.77 -13.87 2.91
C GLY C 88 11.70 -13.93 4.41
N ASP C 89 12.70 -13.53 5.12
CA ASP C 89 12.75 -13.66 6.54
C ASP C 89 13.57 -12.64 7.21
N GLY C 90 13.59 -12.58 8.56
CA GLY C 90 14.58 -11.64 9.15
C GLY C 90 14.49 -10.22 8.82
N VAL C 91 15.52 -9.43 8.62
CA VAL C 91 15.33 -7.97 8.34
C VAL C 91 14.42 -7.69 7.16
N PHE C 92 14.59 -8.38 6.05
CA PHE C 92 13.89 -8.21 4.81
C PHE C 92 12.42 -8.43 4.86
N LYS C 93 12.02 -9.24 5.77
CA LYS C 93 10.65 -9.77 5.81
C LYS C 93 9.52 -8.80 5.85
N THR C 94 9.60 -7.62 6.38
CA THR C 94 8.52 -6.64 6.54
C THR C 94 8.60 -5.57 5.47
N THR C 95 9.71 -5.56 4.76
CA THR C 95 9.88 -4.59 3.67
C THR C 95 8.89 -4.96 2.57
N LEU C 96 8.59 -4.04 1.68
CA LEU C 96 7.66 -4.32 0.57
C LEU C 96 8.14 -5.47 -0.28
N LEU C 97 9.45 -5.53 -0.52
CA LEU C 97 10.06 -6.58 -1.29
C LEU C 97 9.82 -7.91 -0.55
N GLY C 98 10.21 -7.90 0.69
CA GLY C 98 10.08 -9.11 1.50
C GLY C 98 8.63 -9.60 1.53
N GLU C 99 7.77 -8.63 1.61
CA GLU C 99 6.32 -8.81 1.80
C GLU C 99 5.69 -9.38 0.58
N ILE C 100 6.18 -9.07 -0.62
CA ILE C 100 5.65 -9.58 -1.89
C ILE C 100 6.25 -10.92 -2.25
N VAL C 101 7.52 -11.06 -2.04
CA VAL C 101 8.28 -12.30 -2.26
C VAL C 101 7.57 -13.46 -1.57
N GLN C 102 6.99 -13.14 -0.46
CA GLN C 102 6.27 -14.11 0.38
C GLN C 102 5.01 -14.55 -0.28
N TYR C 103 4.48 -13.87 -1.29
CA TYR C 103 3.31 -14.41 -2.01
C TYR C 103 3.80 -15.40 -3.04
N TYR C 104 5.09 -15.57 -3.22
CA TYR C 104 5.52 -16.55 -4.28
C TYR C 104 6.45 -17.56 -3.70
N THR C 105 6.58 -18.71 -4.34
CA THR C 105 7.47 -19.74 -3.86
C THR C 105 8.92 -19.64 -4.25
N HIS C 106 9.23 -19.19 -5.42
CA HIS C 106 10.59 -19.12 -5.99
C HIS C 106 10.96 -17.71 -6.40
N TRP C 107 12.19 -17.30 -6.31
CA TRP C 107 12.57 -15.93 -6.78
C TRP C 107 13.90 -16.13 -7.51
N SER C 108 14.25 -15.25 -8.39
CA SER C 108 15.58 -15.28 -9.03
C SER C 108 15.86 -13.84 -9.43
N GLY C 109 17.09 -13.38 -9.57
CA GLY C 109 17.29 -11.99 -9.94
C GLY C 109 18.27 -11.20 -9.13
N SER C 110 18.48 -9.91 -9.62
CA SER C 110 19.46 -9.14 -8.74
C SER C 110 18.78 -8.25 -7.77
N LEU C 111 19.34 -7.94 -6.63
CA LEU C 111 18.72 -7.07 -5.60
C LEU C 111 19.49 -5.75 -5.58
N ARG C 112 18.75 -4.69 -5.22
CA ARG C 112 19.59 -3.44 -5.15
C ARG C 112 19.53 -3.00 -3.72
N PHE C 113 20.66 -2.93 -3.04
CA PHE C 113 20.77 -2.49 -1.61
C PHE C 113 21.42 -1.14 -1.53
N SER C 114 20.86 -0.09 -1.12
CA SER C 114 21.50 1.24 -1.06
C SER C 114 21.51 1.76 0.36
N LEU C 115 22.37 2.65 0.69
CA LEU C 115 22.56 3.22 2.04
C LEU C 115 22.51 4.73 1.89
N MET C 116 21.69 5.45 2.59
CA MET C 116 21.76 6.97 2.42
C MET C 116 22.39 7.51 3.69
N TYR C 117 23.41 8.33 3.63
CA TYR C 117 24.08 8.85 4.85
C TYR C 117 23.39 10.11 5.36
N THR C 118 23.22 10.23 6.69
CA THR C 118 22.53 11.36 7.29
C THR C 118 23.36 12.22 8.22
N GLY C 119 24.66 11.95 8.37
CA GLY C 119 25.55 12.75 9.25
C GLY C 119 25.72 14.19 8.83
N PRO C 120 26.21 15.04 9.75
CA PRO C 120 26.44 16.48 9.36
C PRO C 120 27.19 16.52 8.03
N ALA C 121 26.85 17.57 7.28
CA ALA C 121 27.54 17.84 6.04
C ALA C 121 29.06 18.01 6.19
N LEU C 122 29.61 18.54 7.25
CA LEU C 122 31.06 18.77 7.43
C LEU C 122 31.80 17.53 7.96
N SER C 123 31.15 16.36 7.97
CA SER C 123 31.84 15.14 8.39
C SER C 123 32.28 14.34 7.16
N SER C 124 32.95 13.23 7.32
CA SER C 124 33.36 12.48 6.09
C SER C 124 33.50 11.04 6.46
N ALA C 125 33.49 10.11 5.56
CA ALA C 125 33.63 8.68 5.99
C ALA C 125 33.86 7.87 4.73
N LYS C 126 34.47 6.72 4.83
CA LYS C 126 34.62 5.78 3.72
C LYS C 126 34.27 4.38 4.33
N LEU C 127 33.24 3.78 3.76
CA LEU C 127 32.76 2.49 4.12
C LEU C 127 32.93 1.51 2.97
N ILE C 128 33.02 0.25 3.28
CA ILE C 128 33.06 -0.83 2.24
C ILE C 128 31.83 -1.74 2.40
N LEU C 129 31.04 -1.99 1.39
CA LEU C 129 29.92 -2.91 1.54
C LEU C 129 30.36 -4.21 0.81
N ALA C 130 30.10 -5.35 1.33
CA ALA C 130 30.58 -6.57 0.67
C ALA C 130 29.44 -7.54 0.59
N TYR C 131 29.25 -8.20 -0.53
CA TYR C 131 28.31 -9.28 -0.78
C TYR C 131 29.13 -10.58 -0.77
N THR C 132 28.81 -11.57 -0.02
CA THR C 132 29.63 -12.84 0.00
C THR C 132 28.77 -13.91 -0.63
N PRO C 133 29.12 -14.45 -1.75
CA PRO C 133 28.25 -15.43 -2.47
C PRO C 133 28.25 -16.75 -1.70
N PRO C 134 27.24 -17.51 -1.91
CA PRO C 134 26.94 -18.73 -1.13
C PRO C 134 28.13 -19.62 -1.10
N GLY C 135 28.40 -20.31 0.02
CA GLY C 135 29.57 -21.21 -0.03
C GLY C 135 30.60 -20.88 0.97
N ALA C 136 30.68 -19.66 1.39
CA ALA C 136 31.66 -19.22 2.46
C ALA C 136 30.86 -18.77 3.65
N ARG C 137 31.41 -18.54 4.80
CA ARG C 137 30.72 -18.04 5.98
C ARG C 137 30.55 -16.52 5.92
N GLY C 138 29.70 -16.01 6.80
CA GLY C 138 29.62 -14.47 6.85
C GLY C 138 31.08 -14.08 7.19
N PRO C 139 31.58 -13.09 6.47
CA PRO C 139 32.98 -12.65 6.69
C PRO C 139 33.08 -12.19 8.15
N GLN C 140 34.22 -12.43 8.69
CA GLN C 140 34.62 -12.07 10.01
C GLN C 140 35.50 -10.89 10.18
N ASP C 141 36.05 -10.32 9.20
CA ASP C 141 36.89 -9.10 9.24
C ASP C 141 36.91 -8.62 7.78
N ARG C 142 37.23 -7.40 7.58
CA ARG C 142 37.18 -6.74 6.24
C ARG C 142 38.08 -7.49 5.30
N ARG C 143 39.11 -8.13 5.84
CA ARG C 143 40.06 -8.70 4.84
C ARG C 143 39.25 -9.81 4.16
N GLU C 144 38.59 -10.48 5.05
CA GLU C 144 37.81 -11.60 4.52
C GLU C 144 36.73 -11.04 3.64
N ALA C 145 36.14 -9.92 4.06
CA ALA C 145 34.96 -9.37 3.34
C ALA C 145 35.34 -8.84 1.97
N MET C 146 36.44 -8.17 1.91
CA MET C 146 36.88 -7.45 0.69
C MET C 146 37.20 -8.41 -0.41
N LEU C 147 37.32 -9.70 -0.25
CA LEU C 147 37.66 -10.62 -1.35
C LEU C 147 36.43 -11.05 -2.19
N GLY C 148 35.27 -10.58 -1.94
CA GLY C 148 34.01 -10.90 -2.61
C GLY C 148 33.48 -9.56 -3.13
N THR C 149 32.26 -9.57 -3.61
CA THR C 149 31.63 -8.41 -4.25
C THR C 149 31.63 -7.26 -3.29
N HIS C 150 32.19 -6.16 -3.67
CA HIS C 150 32.24 -5.05 -2.65
C HIS C 150 32.27 -3.71 -3.34
N VAL C 151 31.98 -2.60 -2.73
CA VAL C 151 32.02 -1.25 -3.25
C VAL C 151 32.66 -0.34 -2.19
N VAL C 152 33.74 0.36 -2.44
CA VAL C 152 34.20 1.35 -1.40
C VAL C 152 33.30 2.55 -1.58
N TRP C 153 32.57 2.94 -0.61
CA TRP C 153 31.63 4.10 -0.71
C TRP C 153 32.26 5.35 -0.20
N ASP C 154 32.35 6.44 -0.88
CA ASP C 154 33.05 7.64 -0.27
C ASP C 154 31.91 8.58 0.04
N ILE C 155 31.70 8.93 1.26
CA ILE C 155 30.52 9.81 1.67
C ILE C 155 30.76 11.18 1.19
N GLY C 156 29.84 11.68 0.36
CA GLY C 156 30.06 13.01 -0.20
C GLY C 156 28.73 13.74 -0.37
N LEU C 157 28.80 14.62 -1.35
CA LEU C 157 27.69 15.45 -1.74
C LEU C 157 26.53 14.57 -2.13
N GLN C 158 26.79 13.65 -2.96
CA GLN C 158 25.91 12.52 -3.35
C GLN C 158 25.79 11.63 -2.12
N SER C 159 24.54 11.68 -1.60
CA SER C 159 24.23 11.11 -0.30
C SER C 159 24.04 9.63 -0.24
N THR C 160 23.56 8.97 -1.28
CA THR C 160 23.30 7.53 -1.32
C THR C 160 24.22 6.76 -2.19
N ILE C 161 24.46 5.52 -1.93
CA ILE C 161 25.25 4.59 -2.63
C ILE C 161 24.32 3.37 -2.90
N VAL C 162 24.32 2.89 -4.08
CA VAL C 162 23.52 1.78 -4.51
C VAL C 162 24.38 0.58 -4.80
N MET C 163 24.36 -0.41 -3.97
CA MET C 163 25.09 -1.63 -4.16
C MET C 163 24.13 -2.63 -4.82
N THR C 164 24.58 -3.38 -5.73
CA THR C 164 23.68 -4.43 -6.39
C THR C 164 24.10 -5.76 -5.92
N ILE C 165 23.28 -6.65 -5.51
CA ILE C 165 23.78 -8.08 -5.18
C ILE C 165 23.56 -8.83 -6.46
N PRO C 166 24.53 -8.91 -7.33
CA PRO C 166 24.28 -9.60 -8.64
C PRO C 166 23.88 -11.02 -8.43
N TRP C 167 22.97 -11.56 -9.23
CA TRP C 167 22.54 -12.96 -9.10
C TRP C 167 23.75 -13.93 -9.32
N THR C 168 24.23 -14.49 -8.21
CA THR C 168 25.26 -15.51 -8.23
C THR C 168 24.67 -16.84 -7.86
N SER C 169 24.49 -17.75 -8.81
CA SER C 169 23.82 -19.00 -8.49
C SER C 169 24.03 -20.11 -9.44
N GLY C 170 24.03 -21.32 -8.93
CA GLY C 170 24.14 -22.52 -9.78
C GLY C 170 22.69 -22.69 -10.35
N VAL C 171 21.80 -23.14 -9.50
CA VAL C 171 20.38 -23.34 -9.68
C VAL C 171 19.79 -21.99 -10.06
N GLN C 172 18.90 -21.97 -11.01
CA GLN C 172 18.32 -20.68 -11.49
C GLN C 172 17.22 -20.16 -10.69
N PHE C 173 16.74 -20.81 -9.69
CA PHE C 173 15.71 -20.23 -8.77
C PHE C 173 16.07 -20.65 -7.36
N ARG C 174 15.73 -19.85 -6.45
CA ARG C 174 15.91 -20.11 -5.00
C ARG C 174 14.52 -20.09 -4.39
N TYR C 175 14.42 -20.68 -3.25
CA TYR C 175 13.14 -20.61 -2.46
C TYR C 175 13.01 -19.30 -1.71
N THR C 176 11.82 -18.68 -1.62
CA THR C 176 11.70 -17.44 -0.82
C THR C 176 11.74 -17.78 0.66
N ASP C 177 11.17 -18.87 1.02
CA ASP C 177 11.24 -19.34 2.47
C ASP C 177 12.62 -19.88 2.64
N PRO C 178 13.30 -19.60 3.71
CA PRO C 178 14.77 -19.87 3.78
C PRO C 178 15.00 -21.34 3.63
N ASP C 179 15.96 -21.61 2.76
CA ASP C 179 16.39 -23.01 2.49
C ASP C 179 17.89 -23.06 2.25
N THR C 180 18.54 -24.11 2.67
CA THR C 180 19.99 -24.17 2.62
C THR C 180 20.61 -24.26 1.25
N TYR C 181 20.17 -25.26 0.54
CA TYR C 181 20.77 -25.62 -0.76
C TYR C 181 20.75 -24.36 -1.64
N THR C 182 19.58 -23.76 -1.55
CA THR C 182 19.12 -22.56 -2.16
C THR C 182 19.54 -21.29 -1.48
N SER C 183 20.57 -21.26 -0.67
CA SER C 183 20.80 -20.00 0.12
C SER C 183 21.55 -18.96 -0.63
N ALA C 184 21.44 -17.66 -0.41
CA ALA C 184 22.09 -16.67 -1.21
C ALA C 184 23.29 -15.96 -0.77
N GLY C 185 23.87 -16.16 0.38
CA GLY C 185 25.05 -15.36 0.82
C GLY C 185 24.84 -14.46 2.02
N PHE C 186 25.74 -13.54 2.23
CA PHE C 186 25.74 -12.61 3.28
C PHE C 186 26.06 -11.21 2.74
N LEU C 187 25.66 -10.26 3.55
CA LEU C 187 25.96 -8.83 3.17
C LEU C 187 26.63 -8.21 4.35
N SER C 188 27.78 -7.64 4.34
CA SER C 188 28.38 -7.01 5.55
C SER C 188 28.84 -5.62 5.19
N CYS C 189 29.22 -4.79 6.15
CA CYS C 189 29.69 -3.38 5.85
C CYS C 189 30.72 -3.03 6.93
N TRP C 190 31.86 -2.43 6.62
CA TRP C 190 32.96 -2.15 7.54
C TRP C 190 33.48 -0.78 7.34
N TYR C 191 34.16 -0.18 8.27
CA TYR C 191 34.82 1.14 8.02
C TYR C 191 35.96 0.92 7.06
N GLN C 192 36.12 1.73 6.05
CA GLN C 192 37.21 1.57 5.04
C GLN C 192 38.36 2.43 5.55
N THR C 193 37.96 3.60 6.00
CA THR C 193 38.92 4.46 6.74
C THR C 193 38.16 4.71 8.05
N SER C 194 37.28 5.66 8.12
CA SER C 194 36.55 5.80 9.44
C SER C 194 35.69 7.00 9.41
N LEU C 195 34.65 7.16 10.22
CA LEU C 195 33.80 8.38 10.17
C LEU C 195 34.53 9.50 10.92
N ILE C 196 34.50 10.70 10.49
CA ILE C 196 35.23 11.82 11.20
C ILE C 196 34.30 12.94 11.44
N LEU C 197 33.98 13.40 12.62
CA LEU C 197 32.92 14.49 12.73
C LEU C 197 33.62 15.83 12.78
N PRO C 198 32.98 16.88 12.34
CA PRO C 198 33.62 18.23 12.46
C PRO C 198 33.60 18.63 13.91
N PRO C 199 34.36 19.65 14.26
CA PRO C 199 34.34 20.26 15.57
C PRO C 199 32.91 20.64 15.97
N GLU C 200 32.70 20.76 17.27
CA GLU C 200 31.43 21.26 17.81
C GLU C 200 30.34 20.26 17.55
N THR C 201 30.71 19.08 17.17
CA THR C 201 29.72 18.04 16.83
C THR C 201 29.94 16.80 17.60
N THR C 202 28.88 16.06 17.88
CA THR C 202 29.17 14.80 18.65
C THR C 202 28.18 13.70 18.61
N GLY C 203 28.70 12.52 19.01
CA GLY C 203 27.77 11.38 19.01
C GLY C 203 27.71 10.51 17.82
N GLN C 204 26.59 9.77 17.70
CA GLN C 204 26.41 8.81 16.61
C GLN C 204 25.76 9.45 15.39
N VAL C 205 26.11 8.94 14.25
CA VAL C 205 25.38 9.43 13.00
C VAL C 205 24.68 8.18 12.50
N TYR C 206 23.62 8.27 11.70
CA TYR C 206 23.02 7.03 11.21
C TYR C 206 22.94 6.94 9.72
N LEU C 207 22.93 5.75 9.20
CA LEU C 207 22.69 5.46 7.79
C LEU C 207 21.22 4.91 7.72
N LEU C 208 20.48 5.27 6.73
CA LEU C 208 19.20 4.63 6.42
C LEU C 208 19.50 3.57 5.35
N SER C 209 18.85 2.45 5.33
CA SER C 209 19.20 1.47 4.22
C SER C 209 17.95 1.07 3.49
N PHE C 210 17.96 0.97 2.16
CA PHE C 210 16.75 0.54 1.43
C PHE C 210 16.95 -0.78 0.70
N ILE C 211 15.90 -1.47 0.27
CA ILE C 211 16.00 -2.62 -0.62
C ILE C 211 14.86 -2.56 -1.68
N SER C 212 15.17 -2.86 -2.88
CA SER C 212 14.30 -3.01 -4.04
C SER C 212 14.91 -4.04 -5.00
N ALA C 213 14.16 -4.56 -5.93
CA ALA C 213 14.61 -5.58 -6.86
C ALA C 213 15.08 -5.00 -8.16
N CYS C 214 16.07 -5.53 -8.80
CA CYS C 214 16.51 -5.07 -10.16
C CYS C 214 15.48 -5.55 -11.17
N PRO C 215 15.58 -5.05 -12.40
CA PRO C 215 14.62 -5.35 -13.45
C PRO C 215 14.79 -6.76 -13.94
N ASP C 216 15.69 -7.52 -13.58
CA ASP C 216 16.29 -8.79 -13.64
C ASP C 216 15.44 -9.87 -13.04
N PHE C 217 14.75 -9.47 -11.97
CA PHE C 217 13.99 -10.24 -11.02
C PHE C 217 12.87 -11.09 -11.54
N LYS C 218 12.66 -12.25 -11.07
CA LYS C 218 11.55 -13.15 -11.41
C LYS C 218 11.01 -13.75 -10.13
N LEU C 219 9.76 -13.91 -10.00
CA LEU C 219 9.04 -14.49 -8.84
C LEU C 219 8.05 -15.49 -9.50
N ARG C 220 7.82 -16.62 -8.99
CA ARG C 220 6.87 -17.56 -9.56
C ARG C 220 6.31 -18.51 -8.54
N LEU C 221 5.21 -19.18 -8.90
CA LEU C 221 4.45 -20.13 -8.15
C LEU C 221 3.84 -19.50 -6.88
N MET C 222 2.73 -18.86 -7.13
CA MET C 222 2.02 -18.13 -6.04
C MET C 222 1.54 -19.09 -4.96
N LYS C 223 1.54 -18.59 -3.78
CA LYS C 223 1.09 -19.27 -2.58
C LYS C 223 0.69 -18.23 -1.52
N ASP C 224 0.27 -18.76 -0.40
CA ASP C 224 -0.25 -17.99 0.73
C ASP C 224 0.84 -17.48 1.64
N THR C 225 0.67 -16.33 2.23
CA THR C 225 1.75 -15.68 3.00
C THR C 225 1.63 -16.10 4.45
N GLN C 226 2.76 -16.32 5.08
CA GLN C 226 2.81 -16.60 6.50
C GLN C 226 2.58 -15.26 7.21
N THR C 227 2.56 -14.17 6.51
CA THR C 227 2.42 -12.90 7.20
C THR C 227 1.09 -12.49 7.62
N ILE C 228 0.05 -13.26 7.59
CA ILE C 228 -1.30 -12.87 8.03
C ILE C 228 -2.20 -14.03 8.29
N SER C 229 -2.90 -13.96 9.41
CA SER C 229 -3.77 -15.15 9.78
C SER C 229 -4.92 -14.65 10.64
N GLN C 230 -5.74 -15.56 11.12
CA GLN C 230 -6.92 -15.04 11.88
C GLN C 230 -7.51 -16.19 12.60
N THR C 231 -8.29 -15.89 13.66
CA THR C 231 -8.94 -17.00 14.38
C THR C 231 -10.44 -16.91 14.24
N VAL C 232 -11.06 -15.80 14.11
CA VAL C 232 -12.57 -15.91 13.83
C VAL C 232 -12.88 -14.95 12.75
N ALA C 233 -14.00 -15.16 12.05
CA ALA C 233 -14.24 -14.18 10.93
C ALA C 233 -14.45 -12.79 11.54
N LEU C 234 -13.99 -11.77 10.89
CA LEU C 234 -14.28 -10.40 11.40
C LEU C 234 -15.74 -10.08 11.09
N THR C 235 -16.24 -9.08 11.77
CA THR C 235 -17.61 -8.53 11.49
C THR C 235 -17.55 -7.01 11.50
N GLU C 236 -18.70 -6.39 11.20
CA GLU C 236 -18.71 -4.89 11.08
C GLU C 236 -18.81 -4.32 12.49
N ILE D 29 -14.63 -18.99 -27.75
CA ILE D 29 -16.11 -18.84 -27.91
C ILE D 29 -16.90 -18.40 -26.71
N ASN D 30 -17.50 -17.23 -26.73
CA ASN D 30 -18.27 -16.87 -25.50
C ASN D 30 -19.60 -17.55 -25.60
N TYR D 31 -20.09 -18.26 -24.62
CA TYR D 31 -21.44 -18.85 -24.71
C TYR D 31 -22.54 -17.95 -24.18
N TYR D 32 -22.09 -16.90 -23.53
CA TYR D 32 -22.97 -16.00 -22.80
C TYR D 32 -22.91 -14.59 -23.35
N LYS D 33 -24.02 -13.87 -23.13
CA LYS D 33 -24.21 -12.58 -23.69
C LYS D 33 -23.51 -11.43 -23.03
N ASP D 34 -23.35 -11.46 -21.73
CA ASP D 34 -22.81 -10.34 -20.97
C ASP D 34 -21.33 -10.39 -20.84
N ALA D 35 -20.63 -9.24 -20.71
CA ALA D 35 -19.16 -9.32 -20.65
C ALA D 35 -18.66 -9.84 -19.33
N ALA D 36 -19.47 -9.78 -18.30
CA ALA D 36 -18.95 -10.14 -16.97
C ALA D 36 -18.81 -11.64 -16.99
N SER D 37 -19.38 -12.20 -18.07
CA SER D 37 -19.46 -13.70 -17.85
C SER D 37 -18.31 -14.36 -18.47
N THR D 38 -17.44 -13.61 -19.09
CA THR D 38 -16.25 -14.17 -19.79
C THR D 38 -15.16 -14.49 -18.81
N SER D 39 -14.20 -15.29 -19.26
CA SER D 39 -13.15 -15.76 -18.32
C SER D 39 -12.16 -14.62 -18.13
N SER D 40 -11.15 -14.98 -17.34
CA SER D 40 -10.15 -14.02 -16.83
C SER D 40 -9.53 -13.28 -18.01
N ALA D 41 -9.00 -12.09 -17.71
CA ALA D 41 -8.48 -11.24 -18.74
C ALA D 41 -7.22 -11.54 -19.44
N GLY D 42 -6.18 -12.26 -19.26
CA GLY D 42 -5.03 -12.02 -20.39
C GLY D 42 -4.10 -10.96 -19.83
N GLN D 43 -2.76 -11.15 -20.12
CA GLN D 43 -1.72 -10.38 -19.37
C GLN D 43 -1.41 -9.01 -19.99
N SER D 44 -1.66 -8.06 -19.03
CA SER D 44 -1.49 -6.67 -19.29
C SER D 44 -0.32 -6.50 -20.29
N LEU D 45 0.68 -7.25 -19.75
CA LEU D 45 1.94 -7.08 -20.62
C LEU D 45 2.07 -5.54 -20.85
N SER D 46 1.66 -4.81 -19.65
CA SER D 46 1.87 -3.34 -19.80
C SER D 46 3.19 -3.00 -19.14
N MET D 47 3.26 -2.99 -17.82
CA MET D 47 4.54 -2.83 -17.14
C MET D 47 5.35 -1.60 -17.35
N ASP D 48 5.22 -0.60 -16.49
CA ASP D 48 5.97 0.63 -16.52
C ASP D 48 6.11 1.20 -15.12
N PRO D 49 7.20 0.81 -14.50
CA PRO D 49 7.42 1.17 -13.10
C PRO D 49 7.75 2.62 -12.99
N SER D 50 8.01 3.35 -13.97
CA SER D 50 8.49 4.73 -13.74
C SER D 50 7.45 5.53 -13.04
N LYS D 51 6.19 5.33 -13.10
CA LYS D 51 5.31 6.25 -12.31
C LYS D 51 5.59 6.11 -10.83
N PHE D 52 6.04 4.98 -10.38
CA PHE D 52 6.39 4.64 -9.01
C PHE D 52 7.85 4.83 -8.74
N THR D 53 8.75 4.47 -9.60
CA THR D 53 10.20 4.55 -9.27
C THR D 53 10.87 5.84 -9.62
N GLU D 54 10.38 6.66 -10.48
CA GLU D 54 10.96 7.89 -10.90
C GLU D 54 9.94 8.96 -11.16
N PRO D 55 9.13 9.29 -10.16
CA PRO D 55 8.16 10.38 -10.35
C PRO D 55 8.83 11.71 -10.16
N VAL D 56 10.08 11.94 -10.58
CA VAL D 56 10.68 13.28 -10.34
C VAL D 56 10.32 14.24 -11.45
N LYS D 57 10.27 15.51 -11.17
CA LYS D 57 9.84 16.53 -12.11
C LYS D 57 10.95 16.72 -13.11
N ASP D 58 12.17 16.96 -12.80
CA ASP D 58 13.26 17.09 -13.74
C ASP D 58 13.97 15.68 -13.74
N LEU D 59 14.04 15.17 -14.93
CA LEU D 59 14.57 13.91 -15.33
C LEU D 59 16.00 13.69 -14.80
N MET D 60 16.18 12.52 -14.28
CA MET D 60 17.50 12.19 -13.71
C MET D 60 18.18 11.22 -14.62
N LEU D 61 19.40 11.49 -15.11
CA LEU D 61 20.11 10.43 -15.89
C LEU D 61 21.09 9.63 -15.14
N LYS D 62 20.97 8.35 -15.21
CA LYS D 62 21.92 7.47 -14.37
C LYS D 62 23.34 7.74 -14.68
N GLY D 63 24.20 8.19 -13.77
CA GLY D 63 25.63 8.35 -14.30
C GLY D 63 25.92 9.82 -14.22
N ALA D 64 24.93 10.60 -14.52
CA ALA D 64 25.10 12.05 -14.25
C ALA D 64 24.90 12.22 -12.75
N PRO D 65 25.48 13.25 -12.19
CA PRO D 65 25.32 13.58 -10.78
C PRO D 65 23.84 13.76 -10.41
N ALA D 66 23.47 13.26 -9.28
CA ALA D 66 22.10 13.42 -8.74
C ALA D 66 21.77 14.88 -8.51
N LEU D 67 22.67 15.55 -7.80
CA LEU D 67 22.37 17.00 -7.49
C LEU D 67 23.54 17.78 -8.09
N ASN D 68 23.22 18.67 -8.92
CA ASN D 68 24.07 19.55 -9.72
C ASN D 68 24.05 20.92 -8.98
#